data_8BOP
#
_entry.id   8BOP
#
_cell.length_a   119.817
_cell.length_b   177.601
_cell.length_c   234.886
_cell.angle_alpha   90.00
_cell.angle_beta   90.00
_cell.angle_gamma   90.00
#
_symmetry.space_group_name_H-M   'I 2 2 2'
#
loop_
_entity.id
_entity.type
_entity.pdbx_description
1 polymer 'Lysine-specific histone demethylase 1A'
2 polymer 'REST corepressor 1'
3 non-polymer '[[(2~{R},3~{S},4~{R},5~{R})-5-(6-aminopurin-9-yl)-3,4-bis(oxidanyl)oxolan-2-yl]methoxy-oxidanyl-phosphoryl] [(2~{R},3~{S},4~{S})-5-[7,8-dimethyl-2,4-bis(oxidanylidene)-5-[3-[4-(3-phenylphenyl)phenyl]propanoyl]-1~{H}-benzo[g]pteridin-10-yl]-2,3,4-tris(oxidanyl)pentyl] hydrogen phosphate'
#
loop_
_entity_poly.entity_id
_entity_poly.type
_entity_poly.pdbx_seq_one_letter_code
_entity_poly.pdbx_strand_id
1 'polypeptide(L)'
;GSSHHHHHHSSGLVPRGSHMLSGKKAAAAAAAAAAAATGTEAGPGTAGGSENGSEVAAQPAGLSGPAEVGPGAVGERTPR
KKEPPRASPPGGLAEPPGSAGPQAGPTVVPGSATPMETGIAETPEGRRTSRRKRAKVEYREMDESLANLSEDEYYSEEER
NAKAEKEKKLPPPPPQAPPEEENESEPEEPSGVEGAAFQSRLPHDRMTSQEAACFPDIISGPQQTQKVFLFIRNRTLQLW
LDNPKIQLTFEATLQQLEAPYNSDTVLVHRVHSYLERHGLINFGIYKRIKPLPTKKTGKVIIIGSGVSGLAAARQLQSFG
MDVTLLEARDRVGGRVATFRKGNYVADLGAMVVTGLGGNPMAVVSKQVNMELAKIKQKCPLYEANGQAVPKEKDEMVEQE
FNRLLEATSYLSHQLDFNVLNNKPVSLGQALEVVIQLQEKHVKDEQIEHWKKIVKTQEELKELLNKMVNLKEKIKELHQQ
YKEASEVKPPRDITAEFLVKSKHRDLTALCKEYDELAETQGKLEEKLQELEANPPSDVYLSSRDRQILDWHFANLEFANA
TPLSTLSLKHWDQDDDFEFTGSHLTVRNGYSCVPVALAEGLDIKLNTAVRQVRYTASGCEVIAVNTRSTSQTFIYKCDAV
LCTLPLGVLKQQPPAVQFVPPLPEWKTSAVQRMGFGNLNKVVLCFDRVFWDPSVNLFGHVGSTTASRGELFLFWNLYKAP
ILLALVAGEAAGIMENISDDVIVGRCLAILKGIFGSSAVPQPKETVVSRWRADPWARGSYSYVAAGSSGNDYDLMAQPIT
PGPSIPGAPQPIPRLFFAGEHTIRNYPATVHGALLSGLREAGRIADQFLGAMYTLPRQATPGVPAQQSPSM
;
A
2 'polypeptide(L)'
;GPLGSPEFRAKRKPPKGMFLSQEDVEAVSANATAATTVLRQLDMELVSVKRQIQNIKQTNSALKEKLDGGIEPYRLPEVI
QKCNARWTTEEQLLAVQAIRKYGRDFQAISDVIGNKSVVQVKNFFVNYRRRFNIDEVLQEWEAE
;
B
#
# COMPACT_ATOMS: atom_id res chain seq x y z
N PRO A 190 -24.20 2.82 14.53
CA PRO A 190 -25.25 2.17 15.33
C PRO A 190 -25.71 3.05 16.51
N SER A 191 -26.90 2.74 17.05
CA SER A 191 -27.47 3.47 18.17
C SER A 191 -28.35 2.54 19.00
N GLY A 192 -28.65 2.97 20.22
CA GLY A 192 -29.43 2.19 21.17
C GLY A 192 -28.59 1.60 22.28
N VAL A 193 -29.12 0.53 22.89
CA VAL A 193 -28.24 -0.25 23.76
C VAL A 193 -27.19 -0.95 22.92
N GLU A 194 -27.48 -1.18 21.63
CA GLU A 194 -26.48 -1.76 20.74
C GLU A 194 -25.38 -0.76 20.40
N GLY A 195 -25.70 0.54 20.44
CA GLY A 195 -24.68 1.54 20.17
C GLY A 195 -23.69 1.65 21.30
N ALA A 196 -24.15 1.43 22.54
CA ALA A 196 -23.24 1.47 23.69
C ALA A 196 -22.20 0.37 23.61
N ALA A 197 -22.58 -0.83 23.16
CA ALA A 197 -21.60 -1.90 22.96
C ALA A 197 -20.55 -1.53 21.91
N PHE A 198 -21.00 -0.99 20.77
CA PHE A 198 -20.06 -0.57 19.73
C PHE A 198 -19.05 0.47 20.26
N GLN A 199 -19.56 1.47 20.99
CA GLN A 199 -18.78 2.60 21.48
C GLN A 199 -17.94 2.22 22.70
N SER A 200 -18.03 0.98 23.15
CA SER A 200 -17.15 0.37 24.12
C SER A 200 -16.39 -0.81 23.52
N ARG A 201 -16.15 -0.78 22.20
CA ARG A 201 -15.34 -1.78 21.49
C ARG A 201 -15.80 -3.22 21.73
N LEU A 202 -17.12 -3.42 21.83
CA LEU A 202 -17.71 -4.70 22.20
C LEU A 202 -18.74 -5.18 21.19
N PRO A 203 -18.73 -6.47 20.82
CA PRO A 203 -19.85 -7.02 20.05
C PRO A 203 -21.12 -7.00 20.90
N HIS A 204 -22.21 -6.50 20.31
CA HIS A 204 -23.47 -6.30 21.03
C HIS A 204 -24.29 -7.57 21.18
N ASP A 205 -24.09 -8.55 20.30
CA ASP A 205 -24.93 -9.73 20.19
C ASP A 205 -24.20 -11.00 20.56
N ARG A 206 -22.97 -10.89 21.02
CA ARG A 206 -22.08 -12.02 21.25
C ARG A 206 -21.23 -11.70 22.48
N MET A 207 -20.98 -12.71 23.29
CA MET A 207 -20.17 -12.55 24.50
C MET A 207 -18.70 -12.75 24.20
N THR A 208 -17.86 -11.96 24.88
CA THR A 208 -16.43 -11.87 24.62
C THR A 208 -15.67 -12.96 25.36
N SER A 209 -14.40 -13.11 25.02
CA SER A 209 -13.56 -14.07 25.72
C SER A 209 -13.37 -13.67 27.19
N GLN A 210 -13.39 -12.37 27.47
CA GLN A 210 -13.31 -11.87 28.83
C GLN A 210 -14.54 -12.29 29.63
N GLU A 211 -15.73 -12.14 29.03
CA GLU A 211 -16.96 -12.42 29.76
C GLU A 211 -17.17 -13.92 29.93
N ALA A 212 -16.74 -14.72 28.95
CA ALA A 212 -16.73 -16.17 29.14
C ALA A 212 -15.93 -16.57 30.36
N ALA A 213 -14.86 -15.82 30.67
CA ALA A 213 -14.04 -16.22 31.81
C ALA A 213 -14.66 -15.79 33.14
N CYS A 214 -15.32 -14.65 33.19
CA CYS A 214 -15.99 -14.24 34.41
C CYS A 214 -17.37 -14.86 34.57
N PHE A 215 -18.01 -15.28 33.47
CA PHE A 215 -19.35 -15.83 33.53
C PHE A 215 -19.42 -17.18 32.81
N PRO A 216 -18.55 -18.13 33.17
CA PRO A 216 -18.60 -19.42 32.50
C PRO A 216 -19.91 -20.12 32.70
N ASP A 217 -20.64 -19.81 33.78
CA ASP A 217 -21.98 -20.36 33.94
C ASP A 217 -22.93 -19.83 32.83
N ILE A 218 -22.82 -18.56 32.46
CA ILE A 218 -23.71 -17.98 31.45
C ILE A 218 -23.39 -18.54 30.06
N ILE A 219 -22.16 -18.34 29.58
CA ILE A 219 -21.78 -18.74 28.22
C ILE A 219 -21.92 -20.24 27.96
N SER A 220 -21.94 -21.09 28.97
CA SER A 220 -22.21 -22.50 28.69
C SER A 220 -23.67 -22.84 28.91
N GLY A 221 -24.46 -21.87 29.37
CA GLY A 221 -25.85 -22.06 29.67
C GLY A 221 -26.73 -21.79 28.48
N PRO A 222 -28.04 -21.67 28.72
CA PRO A 222 -29.00 -21.54 27.61
C PRO A 222 -28.89 -20.18 26.91
N GLN A 223 -29.07 -20.21 25.58
CA GLN A 223 -29.08 -19.00 24.74
C GLN A 223 -29.92 -17.88 25.34
N GLN A 224 -30.91 -18.24 26.16
CA GLN A 224 -31.83 -17.25 26.67
C GLN A 224 -31.18 -16.40 27.76
N THR A 225 -30.52 -17.03 28.74
CA THR A 225 -29.80 -16.23 29.73
C THR A 225 -28.65 -15.43 29.09
N GLN A 226 -27.97 -15.98 28.08
CA GLN A 226 -26.95 -15.21 27.36
C GLN A 226 -27.54 -13.89 26.86
N LYS A 227 -28.71 -13.94 26.21
CA LYS A 227 -29.34 -12.71 25.73
C LYS A 227 -29.73 -11.79 26.88
N VAL A 228 -30.09 -12.35 28.04
CA VAL A 228 -30.43 -11.52 29.20
C VAL A 228 -29.21 -10.78 29.68
N PHE A 229 -28.12 -11.51 29.86
CA PHE A 229 -26.87 -10.91 30.29
C PHE A 229 -26.41 -9.85 29.31
N LEU A 230 -26.50 -10.15 28.01
CA LEU A 230 -26.00 -9.23 27.00
C LEU A 230 -26.76 -7.92 27.05
N PHE A 231 -28.03 -7.98 27.47
CA PHE A 231 -28.82 -6.76 27.47
C PHE A 231 -28.41 -5.85 28.61
N ILE A 232 -28.35 -6.42 29.82
CA ILE A 232 -27.93 -5.65 30.99
C ILE A 232 -26.49 -5.20 30.87
N ARG A 233 -25.62 -5.96 30.20
CA ARG A 233 -24.31 -5.41 29.86
C ARG A 233 -24.45 -4.12 29.06
N ASN A 234 -25.11 -4.21 27.87
CA ASN A 234 -25.24 -3.07 26.95
C ASN A 234 -25.97 -1.91 27.59
N ARG A 235 -26.91 -2.20 28.48
CA ARG A 235 -27.77 -1.14 29.01
C ARG A 235 -27.06 -0.35 30.12
N THR A 236 -26.29 -1.03 30.98
CA THR A 236 -25.47 -0.30 31.94
C THR A 236 -24.44 0.55 31.21
N LEU A 237 -23.85 0.00 30.13
CA LEU A 237 -22.89 0.76 29.35
C LEU A 237 -23.51 2.06 28.86
N GLN A 238 -24.73 1.97 28.31
CA GLN A 238 -25.46 3.15 27.85
C GLN A 238 -25.69 4.13 28.97
N LEU A 239 -26.14 3.62 30.12
CA LEU A 239 -26.26 4.44 31.31
C LEU A 239 -24.99 5.20 31.61
N TRP A 240 -23.85 4.50 31.58
CA TRP A 240 -22.58 5.19 31.78
C TRP A 240 -22.33 6.18 30.65
N LEU A 241 -22.44 5.73 29.40
CA LEU A 241 -21.98 6.56 28.29
C LEU A 241 -22.82 7.83 28.13
N ASP A 242 -24.10 7.80 28.54
CA ASP A 242 -24.93 9.00 28.42
C ASP A 242 -24.56 10.07 29.43
N ASN A 243 -23.83 9.73 30.50
CA ASN A 243 -23.44 10.72 31.49
C ASN A 243 -22.18 10.23 32.18
N PRO A 244 -21.03 10.50 31.62
CA PRO A 244 -19.79 9.99 32.23
C PRO A 244 -19.13 11.04 33.10
N LYS A 245 -19.94 11.87 33.76
CA LYS A 245 -19.40 12.83 34.70
C LYS A 245 -19.81 12.51 36.14
N ILE A 246 -20.50 11.38 36.34
CA ILE A 246 -21.00 10.95 37.65
C ILE A 246 -20.83 9.45 37.78
N GLN A 247 -20.44 9.00 38.97
CA GLN A 247 -20.33 7.57 39.20
C GLN A 247 -21.66 6.87 38.88
N LEU A 248 -21.58 5.78 38.14
CA LEU A 248 -22.75 4.95 37.86
C LEU A 248 -22.83 3.90 38.95
N THR A 249 -23.59 4.19 39.99
CA THR A 249 -23.65 3.25 41.13
C THR A 249 -24.44 2.01 40.73
N PHE A 250 -24.11 0.89 41.38
CA PHE A 250 -24.83 -0.36 41.11
C PHE A 250 -26.33 -0.20 41.28
N GLU A 251 -26.73 0.63 42.23
CA GLU A 251 -28.14 0.73 42.57
C GLU A 251 -28.84 1.93 41.94
N ALA A 252 -28.10 2.91 41.40
CA ALA A 252 -28.68 3.75 40.37
C ALA A 252 -28.99 2.95 39.11
N THR A 253 -28.10 2.00 38.78
CA THR A 253 -28.29 1.15 37.61
C THR A 253 -29.59 0.37 37.71
N LEU A 254 -29.74 -0.40 38.80
CA LEU A 254 -30.88 -1.28 38.92
C LEU A 254 -32.20 -0.51 39.01
N GLN A 255 -32.14 0.74 39.47
CA GLN A 255 -33.38 1.51 39.49
C GLN A 255 -33.80 1.75 38.04
N GLN A 256 -32.85 2.11 37.18
CA GLN A 256 -33.21 2.46 35.79
C GLN A 256 -33.26 1.25 34.87
N LEU A 257 -33.15 0.06 35.41
CA LEU A 257 -33.26 -1.12 34.50
C LEU A 257 -34.73 -1.48 34.35
N GLU A 258 -35.05 -2.38 33.42
CA GLU A 258 -36.48 -2.73 33.20
C GLU A 258 -36.73 -4.20 33.46
N ALA A 259 -37.93 -4.53 33.91
CA ALA A 259 -38.23 -5.96 34.14
C ALA A 259 -38.55 -6.59 32.80
N PRO A 260 -38.25 -7.87 32.57
CA PRO A 260 -37.93 -8.80 33.64
C PRO A 260 -36.44 -8.83 33.95
N TYR A 261 -35.68 -7.95 33.33
CA TYR A 261 -34.22 -7.96 33.54
C TYR A 261 -33.92 -7.51 34.97
N ASN A 262 -34.67 -6.56 35.53
CA ASN A 262 -34.37 -6.08 36.91
C ASN A 262 -35.02 -6.95 38.00
N SER A 263 -34.77 -8.26 37.96
CA SER A 263 -35.32 -9.24 38.90
C SER A 263 -34.14 -9.98 39.51
N ASP A 264 -33.23 -10.43 38.65
CA ASP A 264 -32.06 -11.17 39.16
C ASP A 264 -31.02 -10.18 39.64
N THR A 265 -31.24 -9.56 40.79
CA THR A 265 -30.31 -8.53 41.27
C THR A 265 -28.88 -9.06 41.39
N VAL A 266 -28.67 -10.35 41.47
CA VAL A 266 -27.25 -10.75 41.59
C VAL A 266 -26.61 -10.70 40.21
N LEU A 267 -27.38 -10.97 39.16
CA LEU A 267 -26.78 -10.91 37.82
C LEU A 267 -26.39 -9.47 37.56
N VAL A 268 -27.28 -8.55 37.87
CA VAL A 268 -26.97 -7.11 37.65
C VAL A 268 -25.69 -6.80 38.39
N HIS A 269 -25.67 -7.08 39.67
CA HIS A 269 -24.48 -6.80 40.51
C HIS A 269 -23.27 -7.50 39.90
N ARG A 270 -23.39 -8.76 39.51
CA ARG A 270 -22.25 -9.44 38.87
C ARG A 270 -21.85 -8.64 37.63
N VAL A 271 -22.80 -8.27 36.79
CA VAL A 271 -22.46 -7.52 35.56
C VAL A 271 -21.90 -6.15 35.92
N HIS A 272 -22.60 -5.36 36.73
CA HIS A 272 -22.12 -4.00 37.04
C HIS A 272 -20.73 -4.02 37.61
N SER A 273 -20.47 -4.91 38.54
CA SER A 273 -19.12 -4.94 39.13
C SER A 273 -18.08 -5.31 38.07
N TYR A 274 -18.40 -6.22 37.17
CA TYR A 274 -17.42 -6.58 36.12
C TYR A 274 -17.03 -5.35 35.30
N LEU A 275 -18.01 -4.65 34.78
CA LEU A 275 -17.75 -3.47 33.98
C LEU A 275 -16.97 -2.41 34.77
N GLU A 276 -17.08 -2.42 36.09
CA GLU A 276 -16.40 -1.39 36.87
C GLU A 276 -14.94 -1.78 37.10
N ARG A 277 -14.71 -3.07 37.33
CA ARG A 277 -13.36 -3.58 37.56
C ARG A 277 -12.50 -3.35 36.34
N HIS A 278 -13.01 -3.72 35.18
CA HIS A 278 -12.23 -3.70 33.97
C HIS A 278 -12.33 -2.39 33.22
N GLY A 279 -13.00 -1.39 33.81
CA GLY A 279 -12.88 -0.03 33.32
C GLY A 279 -13.75 0.35 32.16
N LEU A 280 -14.81 -0.43 31.90
CA LEU A 280 -15.77 -0.08 30.85
C LEU A 280 -16.78 0.95 31.33
N ILE A 281 -16.79 1.25 32.62
CA ILE A 281 -17.67 2.23 33.23
C ILE A 281 -16.90 2.81 34.41
N ASN A 282 -17.30 3.99 34.86
CA ASN A 282 -16.69 4.63 36.04
C ASN A 282 -15.17 4.61 35.94
N PHE A 283 -14.69 5.06 34.78
CA PHE A 283 -13.30 5.30 34.50
C PHE A 283 -13.15 6.76 34.08
N GLY A 284 -11.98 7.32 34.32
CA GLY A 284 -11.78 8.71 33.97
C GLY A 284 -11.95 9.64 35.15
N ILE A 285 -12.61 10.77 34.92
CA ILE A 285 -12.72 11.78 35.99
C ILE A 285 -14.16 12.11 36.24
N TYR A 286 -14.77 11.48 37.24
CA TYR A 286 -16.18 11.74 37.55
C TYR A 286 -16.31 12.13 39.01
N LYS A 287 -17.52 12.52 39.40
CA LYS A 287 -17.81 12.87 40.81
C LYS A 287 -18.21 11.55 41.46
N ARG A 288 -17.53 11.17 42.52
CA ARG A 288 -17.87 9.87 43.13
C ARG A 288 -19.13 10.02 43.94
N ILE A 289 -19.94 8.96 44.02
CA ILE A 289 -21.14 9.02 44.86
C ILE A 289 -20.77 8.29 46.13
N LYS A 290 -20.35 7.05 46.00
CA LYS A 290 -19.88 6.32 47.20
C LYS A 290 -18.48 6.86 47.49
N PRO A 291 -18.24 7.49 48.65
CA PRO A 291 -16.94 8.04 48.96
C PRO A 291 -15.80 7.03 49.05
N LEU A 292 -14.57 7.52 48.88
CA LEU A 292 -13.34 6.71 48.92
C LEU A 292 -13.23 6.01 50.28
N PRO A 293 -12.76 4.75 50.35
CA PRO A 293 -12.60 4.05 51.62
C PRO A 293 -11.47 4.71 52.41
N THR A 294 -11.64 4.75 53.73
CA THR A 294 -10.64 5.38 54.63
C THR A 294 -9.43 4.47 54.72
N LYS A 295 -9.65 3.20 54.96
CA LYS A 295 -8.50 2.26 55.05
C LYS A 295 -8.21 1.72 53.65
N LYS A 296 -6.99 1.94 53.17
CA LYS A 296 -6.51 1.48 51.85
C LYS A 296 -6.09 0.01 51.95
N THR A 297 -5.97 -0.70 50.85
CA THR A 297 -5.59 -2.11 50.88
C THR A 297 -4.53 -2.40 49.83
N GLY A 298 -3.44 -3.04 50.22
CA GLY A 298 -2.33 -3.33 49.32
C GLY A 298 -1.62 -2.08 48.82
N LYS A 299 -0.38 -2.21 48.29
CA LYS A 299 0.40 -1.06 47.85
C LYS A 299 0.99 -1.29 46.45
N VAL A 300 0.70 -0.36 45.52
CA VAL A 300 1.15 -0.47 44.14
C VAL A 300 2.08 0.69 43.82
N ILE A 301 3.25 0.36 43.28
CA ILE A 301 4.19 1.31 42.73
C ILE A 301 4.05 1.21 41.22
N ILE A 302 3.86 2.37 40.57
CA ILE A 302 3.75 2.49 39.12
C ILE A 302 4.94 3.26 38.62
N ILE A 303 5.63 2.70 37.64
CA ILE A 303 6.77 3.38 37.03
C ILE A 303 6.27 4.15 35.81
N GLY A 304 6.44 5.47 35.83
CA GLY A 304 5.99 6.29 34.72
C GLY A 304 4.64 6.90 34.96
N SER A 305 4.52 8.21 34.86
CA SER A 305 3.19 8.80 34.86
C SER A 305 2.91 9.31 33.45
N GLY A 306 3.20 8.46 32.47
CA GLY A 306 2.61 8.59 31.16
C GLY A 306 1.25 7.95 31.15
N VAL A 307 0.51 8.23 30.08
CA VAL A 307 -0.95 8.12 30.07
C VAL A 307 -1.42 6.75 30.54
N SER A 308 -0.69 5.68 30.22
CA SER A 308 -1.10 4.38 30.76
C SER A 308 -0.88 4.35 32.26
N GLY A 309 0.26 4.83 32.71
CA GLY A 309 0.50 4.94 34.14
C GLY A 309 -0.63 5.68 34.84
N LEU A 310 -1.03 6.86 34.35
CA LEU A 310 -2.01 7.61 35.12
C LEU A 310 -3.35 6.89 35.10
N ALA A 311 -3.65 6.24 33.99
CA ALA A 311 -4.92 5.56 33.84
C ALA A 311 -5.09 4.48 34.89
N ALA A 312 -4.02 3.72 35.15
CA ALA A 312 -4.11 2.65 36.13
C ALA A 312 -4.11 3.21 37.53
N ALA A 313 -3.23 4.19 37.78
CA ALA A 313 -3.19 4.84 39.08
C ALA A 313 -4.58 5.27 39.51
N ARG A 314 -5.27 5.99 38.65
CA ARG A 314 -6.58 6.53 39.02
C ARG A 314 -7.61 5.41 39.20
N GLN A 315 -7.51 4.32 38.46
CA GLN A 315 -8.46 3.23 38.68
C GLN A 315 -8.15 2.50 39.98
N LEU A 316 -6.87 2.18 40.23
CA LEU A 316 -6.48 1.51 41.48
C LEU A 316 -6.90 2.32 42.69
N GLN A 317 -6.55 3.61 42.71
CA GLN A 317 -7.04 4.49 43.76
C GLN A 317 -8.57 4.53 43.80
N SER A 318 -9.23 4.41 42.66
CA SER A 318 -10.68 4.26 42.71
C SER A 318 -11.06 3.02 43.51
N PHE A 319 -10.33 1.93 43.32
CA PHE A 319 -10.67 0.61 43.84
C PHE A 319 -10.24 0.41 45.29
N GLY A 320 -9.71 1.45 45.93
CA GLY A 320 -9.30 1.38 47.31
C GLY A 320 -7.83 1.10 47.56
N MET A 321 -7.00 1.05 46.53
CA MET A 321 -5.61 0.70 46.79
C MET A 321 -4.78 1.95 47.07
N ASP A 322 -3.54 1.72 47.46
CA ASP A 322 -2.54 2.75 47.75
C ASP A 322 -1.55 2.78 46.59
N VAL A 323 -1.56 3.86 45.81
CA VAL A 323 -0.72 3.97 44.62
C VAL A 323 0.19 5.17 44.73
N THR A 324 1.45 4.93 44.42
CA THR A 324 2.46 5.95 44.18
C THR A 324 2.95 5.79 42.75
N LEU A 325 3.16 6.91 42.06
CA LEU A 325 3.77 6.93 40.74
C LEU A 325 5.16 7.55 40.80
N LEU A 326 6.09 6.91 40.12
CA LEU A 326 7.47 7.40 40.03
C LEU A 326 7.69 7.93 38.62
N GLU A 327 7.97 9.22 38.50
CA GLU A 327 8.13 9.93 37.22
C GLU A 327 9.56 10.43 37.08
N ALA A 328 10.29 10.03 36.05
CA ALA A 328 11.68 10.48 35.87
C ALA A 328 11.74 11.94 35.43
N ARG A 329 10.69 12.44 34.79
CA ARG A 329 10.66 13.82 34.26
C ARG A 329 10.11 14.75 35.32
N ASP A 330 9.94 16.01 34.95
CA ASP A 330 9.37 17.00 35.90
C ASP A 330 7.96 17.32 35.47
N ARG A 331 7.40 16.50 34.61
CA ARG A 331 5.99 16.73 34.24
C ARG A 331 5.33 15.38 34.08
N VAL A 332 4.01 15.38 34.20
CA VAL A 332 3.23 14.13 34.16
C VAL A 332 2.73 13.86 32.75
N GLY A 333 3.45 14.24 31.71
CA GLY A 333 2.82 14.01 30.40
C GLY A 333 3.18 12.68 29.83
N GLY A 334 4.46 12.39 29.81
CA GLY A 334 4.86 11.17 29.12
C GLY A 334 5.04 11.55 27.67
N ARG A 335 4.54 10.75 26.75
CA ARG A 335 4.73 11.13 25.34
C ARG A 335 3.64 12.10 24.95
N VAL A 336 2.77 12.47 25.87
CA VAL A 336 1.83 13.57 25.55
C VAL A 336 2.50 14.78 26.17
N ALA A 337 3.10 15.59 25.32
CA ALA A 337 3.96 16.72 25.67
C ALA A 337 3.45 17.94 24.90
N THR A 338 3.09 18.99 25.63
CA THR A 338 2.54 20.21 25.04
C THR A 338 3.44 21.39 25.37
N PHE A 339 4.03 22.00 24.34
CA PHE A 339 4.72 23.27 24.48
C PHE A 339 3.72 24.38 24.79
N ARG A 340 4.08 25.25 25.73
CA ARG A 340 3.32 26.46 26.03
C ARG A 340 4.31 27.59 26.31
N LYS A 341 4.24 28.65 25.52
CA LYS A 341 4.86 29.92 25.88
C LYS A 341 3.90 31.01 25.44
N GLY A 342 3.65 31.96 26.34
CA GLY A 342 2.64 32.99 26.08
C GLY A 342 1.35 32.36 25.64
N ASN A 343 0.88 32.77 24.47
CA ASN A 343 -0.39 32.17 24.03
C ASN A 343 -0.11 31.12 22.96
N TYR A 344 1.15 30.78 22.75
CA TYR A 344 1.43 29.70 21.78
C TYR A 344 1.22 28.37 22.50
N VAL A 345 0.76 27.34 21.79
CA VAL A 345 0.51 25.98 22.35
C VAL A 345 0.72 25.01 21.21
N ALA A 346 1.60 24.03 21.34
CA ALA A 346 1.77 23.11 20.20
C ALA A 346 2.22 21.74 20.70
N ASP A 347 1.58 20.69 20.26
CA ASP A 347 1.98 19.39 20.83
C ASP A 347 3.22 18.82 20.15
N LEU A 348 4.22 18.54 20.96
CA LEU A 348 5.40 17.79 20.55
C LEU A 348 5.18 16.27 20.60
N GLY A 349 4.10 15.80 21.23
CA GLY A 349 3.81 14.38 21.35
C GLY A 349 2.67 13.95 20.47
N ALA A 350 1.82 13.10 21.01
CA ALA A 350 0.52 12.89 20.41
C ALA A 350 -0.15 14.22 20.07
N MET A 351 -0.93 14.25 18.99
CA MET A 351 -1.67 15.47 18.69
C MET A 351 -3.01 15.22 18.03
N VAL A 352 -3.32 13.97 17.70
CA VAL A 352 -4.49 13.66 16.89
C VAL A 352 -5.31 12.60 17.63
N VAL A 353 -6.57 12.91 17.93
CA VAL A 353 -7.53 11.87 18.29
C VAL A 353 -7.97 11.20 16.99
N THR A 354 -7.83 9.86 16.89
CA THR A 354 -8.16 9.16 15.65
C THR A 354 -9.64 8.82 15.54
N GLY A 355 -10.53 9.71 15.99
CA GLY A 355 -11.93 9.55 15.64
C GLY A 355 -12.74 8.90 16.73
N LEU A 356 -13.96 9.37 16.95
CA LEU A 356 -14.66 9.13 18.21
C LEU A 356 -15.54 7.88 18.21
N GLY A 357 -15.66 7.18 17.10
CA GLY A 357 -16.53 6.03 17.08
C GLY A 357 -15.89 4.82 17.73
N GLY A 358 -16.25 4.54 18.98
CA GLY A 358 -15.59 3.48 19.71
C GLY A 358 -14.38 3.93 20.52
N ASN A 359 -14.03 5.20 20.47
CA ASN A 359 -12.85 5.73 21.12
C ASN A 359 -13.15 5.98 22.59
N PRO A 360 -12.40 5.38 23.52
CA PRO A 360 -12.56 5.75 24.93
C PRO A 360 -12.24 7.21 25.17
N MET A 361 -11.45 7.84 24.30
CA MET A 361 -11.21 9.27 24.44
C MET A 361 -12.47 10.09 24.21
N ALA A 362 -13.48 9.52 23.56
CA ALA A 362 -14.78 10.17 23.49
C ALA A 362 -15.32 10.46 24.88
N VAL A 363 -15.22 9.46 25.77
CA VAL A 363 -15.67 9.62 27.15
C VAL A 363 -14.90 10.74 27.83
N VAL A 364 -13.57 10.72 27.67
CA VAL A 364 -12.69 11.62 28.39
C VAL A 364 -13.00 13.07 28.05
N SER A 365 -13.20 13.36 26.77
CA SER A 365 -13.45 14.72 26.32
C SER A 365 -14.75 15.28 26.87
N LYS A 366 -15.62 14.37 27.29
CA LYS A 366 -16.89 14.84 27.86
C LYS A 366 -16.60 15.26 29.30
N GLN A 367 -15.57 14.67 29.90
CA GLN A 367 -15.29 14.98 31.32
C GLN A 367 -14.24 16.09 31.39
N VAL A 368 -13.33 16.12 30.44
CA VAL A 368 -12.27 17.15 30.53
C VAL A 368 -12.50 18.21 29.46
N ASN A 369 -12.53 19.47 29.85
CA ASN A 369 -12.73 20.56 28.86
C ASN A 369 -11.65 20.43 27.79
N MET A 370 -12.05 20.00 26.60
CA MET A 370 -11.10 19.84 25.48
C MET A 370 -11.65 20.58 24.27
N GLU A 371 -10.81 21.36 23.59
CA GLU A 371 -11.25 22.03 22.36
C GLU A 371 -10.89 21.09 21.21
N LEU A 372 -11.81 20.20 20.86
CA LEU A 372 -11.57 19.25 19.77
C LEU A 372 -11.98 19.91 18.47
N ALA A 373 -11.11 19.91 17.49
CA ALA A 373 -11.40 20.50 16.19
C ALA A 373 -11.10 19.51 15.09
N LYS A 374 -12.07 19.35 14.19
CA LYS A 374 -12.01 18.39 13.06
C LYS A 374 -10.87 18.80 12.14
N ILE A 375 -10.20 17.82 11.59
CA ILE A 375 -9.07 18.11 10.70
C ILE A 375 -9.56 17.96 9.27
N LYS A 376 -9.44 19.01 8.48
CA LYS A 376 -9.86 18.92 7.06
C LYS A 376 -8.80 18.10 6.35
N GLN A 377 -9.21 17.06 5.63
CA GLN A 377 -8.18 16.18 5.00
C GLN A 377 -7.62 16.78 3.72
N LYS A 378 -8.01 17.99 3.36
CA LYS A 378 -7.47 18.58 2.11
C LYS A 378 -5.97 18.70 2.26
N CYS A 379 -5.19 18.21 1.30
CA CYS A 379 -3.74 18.35 1.51
C CYS A 379 -3.02 18.52 0.20
N PRO A 380 -2.75 19.77 -0.20
CA PRO A 380 -2.07 20.05 -1.44
C PRO A 380 -0.57 19.84 -1.34
N LEU A 381 0.01 19.12 -2.29
CA LEU A 381 1.47 18.93 -2.26
C LEU A 381 2.13 20.03 -3.07
N TYR A 382 3.38 20.29 -2.74
CA TYR A 382 4.23 21.27 -3.44
C TYR A 382 5.52 20.53 -3.67
N GLU A 383 6.20 20.79 -4.78
CA GLU A 383 7.39 20.01 -5.08
C GLU A 383 8.57 20.79 -4.55
N ALA A 384 9.79 20.33 -4.86
CA ALA A 384 10.96 21.05 -4.34
C ALA A 384 11.05 22.45 -4.93
N ASN A 385 10.53 22.65 -6.15
CA ASN A 385 10.58 23.97 -6.78
C ASN A 385 9.77 25.01 -6.01
N GLY A 386 8.66 24.58 -5.40
CA GLY A 386 7.75 25.48 -4.74
C GLY A 386 6.49 25.78 -5.52
N GLN A 387 6.05 24.85 -6.38
CA GLN A 387 4.88 25.01 -7.23
C GLN A 387 4.01 23.78 -7.08
N ALA A 388 2.70 23.98 -6.97
CA ALA A 388 1.80 22.91 -6.63
C ALA A 388 1.90 21.76 -7.64
N VAL A 389 1.56 20.57 -7.17
CA VAL A 389 1.40 19.44 -8.07
C VAL A 389 0.08 19.65 -8.80
N PRO A 390 0.01 19.34 -10.09
CA PRO A 390 -1.28 19.41 -10.80
C PRO A 390 -2.21 18.30 -10.35
N LYS A 391 -3.50 18.64 -10.21
CA LYS A 391 -4.50 17.66 -9.79
C LYS A 391 -4.43 16.36 -10.60
N GLU A 392 -3.92 16.40 -11.83
CA GLU A 392 -3.77 15.19 -12.61
C GLU A 392 -2.78 14.23 -11.95
N LYS A 393 -1.61 14.75 -11.58
CA LYS A 393 -0.57 13.92 -10.98
C LYS A 393 -0.92 13.56 -9.53
N ASP A 394 -1.20 14.58 -8.70
CA ASP A 394 -1.51 14.41 -7.27
C ASP A 394 -2.46 13.24 -7.07
N GLU A 395 -3.37 13.08 -8.01
CA GLU A 395 -4.52 12.23 -7.84
C GLU A 395 -4.33 10.89 -8.54
N MET A 396 -3.43 10.90 -9.51
CA MET A 396 -3.18 9.69 -10.31
C MET A 396 -2.05 8.92 -9.67
N VAL A 397 -1.22 9.58 -8.87
CA VAL A 397 -0.12 8.82 -8.23
C VAL A 397 -0.64 8.29 -6.90
N GLU A 398 -1.58 9.01 -6.31
CA GLU A 398 -2.20 8.56 -5.06
C GLU A 398 -2.81 7.19 -5.34
N GLN A 399 -3.56 7.04 -6.42
CA GLN A 399 -4.16 5.72 -6.74
C GLN A 399 -3.08 4.68 -7.04
N GLU A 400 -1.94 5.10 -7.53
CA GLU A 400 -0.95 4.04 -7.80
C GLU A 400 -0.52 3.53 -6.45
N PHE A 401 -0.30 4.47 -5.55
CA PHE A 401 0.13 4.20 -4.17
C PHE A 401 -0.71 3.08 -3.55
N ASN A 402 -2.03 3.28 -3.50
CA ASN A 402 -2.93 2.28 -2.88
C ASN A 402 -2.98 1.02 -3.72
N ARG A 403 -2.80 1.14 -5.03
CA ARG A 403 -2.75 -0.05 -5.90
C ARG A 403 -1.49 -0.81 -5.53
N LEU A 404 -0.42 -0.10 -5.29
CA LEU A 404 0.82 -0.81 -4.91
C LEU A 404 0.64 -1.49 -3.56
N LEU A 405 -0.03 -0.84 -2.62
CA LEU A 405 -0.18 -1.47 -1.29
C LEU A 405 -0.89 -2.80 -1.46
N GLU A 406 -2.06 -2.77 -2.07
CA GLU A 406 -2.86 -3.99 -2.32
C GLU A 406 -1.97 -5.01 -3.00
N ALA A 407 -1.07 -4.56 -3.86
CA ALA A 407 -0.20 -5.53 -4.52
C ALA A 407 0.59 -6.34 -3.49
N THR A 408 1.38 -5.66 -2.65
CA THR A 408 2.14 -6.36 -1.61
C THR A 408 1.25 -7.32 -0.81
N SER A 409 0.05 -6.86 -0.48
CA SER A 409 -0.91 -7.71 0.22
C SER A 409 -1.16 -9.01 -0.54
N TYR A 410 -1.30 -8.90 -1.87
CA TYR A 410 -1.44 -10.10 -2.72
C TYR A 410 -0.21 -10.99 -2.61
N LEU A 411 1.00 -10.41 -2.73
CA LEU A 411 2.22 -11.19 -2.52
C LEU A 411 2.25 -11.88 -1.16
N SER A 412 1.74 -11.21 -0.13
CA SER A 412 1.80 -11.80 1.21
C SER A 412 0.82 -12.96 1.35
N HIS A 413 -0.45 -12.71 1.09
CA HIS A 413 -1.52 -13.65 1.44
C HIS A 413 -1.81 -14.69 0.35
N GLN A 414 -1.51 -14.41 -0.92
CA GLN A 414 -1.78 -15.35 -2.02
C GLN A 414 -0.56 -16.13 -2.49
N LEU A 415 0.64 -15.53 -2.45
CA LEU A 415 1.86 -16.14 -2.96
C LEU A 415 2.80 -16.63 -1.86
N ASP A 416 2.38 -16.57 -0.59
CA ASP A 416 3.23 -16.83 0.60
C ASP A 416 4.65 -16.28 0.43
N PHE A 417 4.73 -15.09 -0.11
CA PHE A 417 6.04 -14.44 -0.23
C PHE A 417 6.31 -13.83 1.13
N ASN A 418 6.78 -14.62 2.08
CA ASN A 418 6.95 -14.03 3.43
C ASN A 418 8.33 -14.31 3.98
N VAL A 419 9.12 -15.14 3.32
CA VAL A 419 10.48 -15.38 3.83
C VAL A 419 11.40 -15.48 2.63
N LEU A 420 12.53 -14.78 2.64
CA LEU A 420 13.45 -14.86 1.48
C LEU A 420 14.88 -15.13 1.94
N ASN A 421 15.46 -16.23 1.46
CA ASN A 421 16.84 -16.64 1.83
C ASN A 421 16.95 -16.66 3.35
N ASN A 422 16.01 -17.35 3.99
CA ASN A 422 15.91 -17.56 5.47
C ASN A 422 15.51 -16.31 6.26
N LYS A 423 15.28 -15.16 5.64
CA LYS A 423 14.95 -13.96 6.45
C LYS A 423 13.52 -13.54 6.12
N PRO A 424 12.84 -12.85 7.03
CA PRO A 424 11.46 -12.47 6.81
C PRO A 424 11.39 -11.21 5.96
N VAL A 425 10.44 -11.18 5.05
CA VAL A 425 10.29 -10.05 4.11
C VAL A 425 9.65 -8.86 4.80
N SER A 426 10.12 -7.68 4.47
CA SER A 426 9.57 -6.42 4.95
C SER A 426 8.69 -5.78 3.90
N LEU A 427 7.88 -4.80 4.34
CA LEU A 427 7.02 -4.08 3.41
C LEU A 427 7.84 -3.34 2.35
N GLY A 428 8.95 -2.73 2.76
CA GLY A 428 9.81 -2.04 1.81
C GLY A 428 10.28 -2.93 0.67
N GLN A 429 10.81 -4.10 0.99
CA GLN A 429 11.22 -5.04 -0.05
C GLN A 429 10.03 -5.45 -0.91
N ALA A 430 8.89 -5.77 -0.30
CA ALA A 430 7.71 -6.17 -1.07
C ALA A 430 7.32 -5.08 -2.06
N LEU A 431 7.32 -3.82 -1.61
CA LEU A 431 7.07 -2.71 -2.52
C LEU A 431 8.00 -2.72 -3.71
N GLU A 432 9.32 -2.74 -3.47
CA GLU A 432 10.27 -2.68 -4.59
C GLU A 432 10.06 -3.84 -5.57
N VAL A 433 9.81 -5.04 -5.05
CA VAL A 433 9.54 -6.18 -5.93
C VAL A 433 8.29 -5.94 -6.76
N VAL A 434 7.28 -5.30 -6.18
CA VAL A 434 6.13 -4.93 -6.99
C VAL A 434 6.52 -3.91 -8.03
N ILE A 435 7.28 -2.88 -7.63
CA ILE A 435 7.66 -1.85 -8.60
C ILE A 435 8.49 -2.44 -9.73
N GLN A 436 9.55 -3.17 -9.39
CA GLN A 436 10.37 -3.78 -10.43
C GLN A 436 9.55 -4.69 -11.35
N LEU A 437 8.62 -5.46 -10.79
CA LEU A 437 7.78 -6.26 -11.67
C LEU A 437 6.88 -5.40 -12.56
N GLN A 438 6.50 -4.20 -12.11
CA GLN A 438 5.75 -3.33 -13.02
C GLN A 438 6.69 -2.71 -14.05
N GLU A 439 7.91 -2.41 -13.64
CA GLU A 439 8.88 -1.88 -14.61
C GLU A 439 9.19 -3.01 -15.59
N LYS A 440 9.32 -4.24 -15.09
CA LYS A 440 9.62 -5.35 -16.01
C LYS A 440 8.48 -5.49 -17.00
N HIS A 441 7.24 -5.42 -16.55
CA HIS A 441 6.16 -5.65 -17.55
C HIS A 441 5.98 -4.48 -18.51
N VAL A 442 6.49 -3.30 -18.23
CA VAL A 442 6.36 -2.24 -19.26
C VAL A 442 7.33 -2.58 -20.37
N LYS A 443 8.50 -3.10 -20.02
CA LYS A 443 9.50 -3.46 -21.04
C LYS A 443 8.97 -4.63 -21.87
N ASP A 444 8.37 -5.63 -21.23
CA ASP A 444 7.81 -6.77 -21.97
C ASP A 444 6.78 -6.26 -22.96
N GLU A 445 5.90 -5.38 -22.50
CA GLU A 445 4.88 -4.75 -23.37
C GLU A 445 5.60 -4.13 -24.56
N GLN A 446 6.53 -3.22 -24.30
CA GLN A 446 7.22 -2.52 -25.41
C GLN A 446 7.87 -3.53 -26.36
N ILE A 447 8.61 -4.48 -25.83
CA ILE A 447 9.30 -5.44 -26.72
C ILE A 447 8.31 -6.20 -27.59
N GLU A 448 7.15 -6.60 -27.07
CA GLU A 448 6.23 -7.34 -27.98
C GLU A 448 5.58 -6.36 -28.97
N HIS A 449 5.48 -5.08 -28.64
CA HIS A 449 4.90 -4.13 -29.60
C HIS A 449 5.82 -4.01 -30.79
N TRP A 450 7.09 -3.68 -30.58
CA TRP A 450 7.98 -3.56 -31.76
C TRP A 450 8.06 -4.91 -32.47
N LYS A 451 8.21 -6.00 -31.73
CA LYS A 451 8.31 -7.35 -32.32
C LYS A 451 7.16 -7.59 -33.30
N LYS A 452 6.02 -6.92 -33.10
CA LYS A 452 5.00 -6.96 -34.13
C LYS A 452 5.48 -6.19 -35.35
N ILE A 453 6.20 -5.10 -35.12
CA ILE A 453 6.61 -4.23 -36.21
C ILE A 453 7.66 -4.92 -37.09
N VAL A 454 8.65 -5.60 -36.50
CA VAL A 454 9.56 -6.38 -37.32
C VAL A 454 8.81 -7.46 -38.09
N LYS A 455 7.83 -8.12 -37.46
CA LYS A 455 7.10 -9.20 -38.13
C LYS A 455 6.30 -8.69 -39.32
N THR A 456 6.08 -7.39 -39.42
CA THR A 456 5.39 -6.83 -40.55
C THR A 456 6.29 -6.01 -41.48
N GLN A 457 7.37 -5.47 -40.95
CA GLN A 457 8.30 -4.88 -41.93
C GLN A 457 8.89 -6.09 -42.66
N GLU A 458 9.11 -7.17 -41.92
CA GLU A 458 9.66 -8.40 -42.55
C GLU A 458 8.64 -8.91 -43.55
N GLU A 459 7.36 -8.89 -43.22
CA GLU A 459 6.35 -9.36 -44.19
C GLU A 459 6.48 -8.49 -45.43
N LEU A 460 6.43 -7.19 -45.23
CA LEU A 460 6.51 -6.21 -46.33
C LEU A 460 7.78 -6.45 -47.14
N LYS A 461 8.91 -6.63 -46.49
CA LYS A 461 10.18 -6.89 -47.20
C LYS A 461 9.98 -8.04 -48.17
N GLU A 462 9.41 -9.16 -47.72
CA GLU A 462 9.14 -10.29 -48.64
C GLU A 462 8.22 -9.83 -49.76
N LEU A 463 7.21 -9.02 -49.46
CA LEU A 463 6.33 -8.57 -50.56
C LEU A 463 7.13 -7.81 -51.61
N LEU A 464 7.82 -6.74 -51.21
CA LEU A 464 8.58 -5.91 -52.17
C LEU A 464 9.49 -6.77 -53.03
N ASN A 465 10.20 -7.70 -52.41
CA ASN A 465 11.02 -8.62 -53.21
C ASN A 465 10.16 -9.28 -54.28
N LYS A 466 9.00 -9.82 -53.93
CA LYS A 466 8.23 -10.46 -55.01
C LYS A 466 7.81 -9.40 -56.01
N MET A 467 7.37 -8.25 -55.54
CA MET A 467 6.92 -7.22 -56.50
C MET A 467 8.08 -6.81 -57.40
N VAL A 468 9.27 -6.63 -56.86
CA VAL A 468 10.39 -6.21 -57.76
C VAL A 468 10.71 -7.35 -58.73
N ASN A 469 10.65 -8.59 -58.28
CA ASN A 469 10.98 -9.70 -59.19
C ASN A 469 9.85 -9.97 -60.17
N LEU A 470 8.64 -9.52 -59.87
CA LEU A 470 7.55 -9.74 -60.84
C LEU A 470 7.68 -8.65 -61.89
N LYS A 471 7.93 -7.42 -61.46
CA LYS A 471 8.08 -6.36 -62.45
C LYS A 471 9.14 -6.70 -63.47
N GLU A 472 10.25 -7.33 -63.05
CA GLU A 472 11.27 -7.69 -64.03
C GLU A 472 10.76 -8.78 -64.98
N LYS A 473 9.93 -9.69 -64.50
CA LYS A 473 9.31 -10.65 -65.42
C LYS A 473 8.33 -9.96 -66.35
N ILE A 474 7.64 -8.91 -65.88
CA ILE A 474 6.82 -8.09 -66.79
C ILE A 474 7.70 -7.49 -67.88
N LYS A 475 8.75 -6.75 -67.48
CA LYS A 475 9.63 -6.09 -68.43
C LYS A 475 10.09 -7.01 -69.55
N GLU A 476 10.48 -8.23 -69.21
CA GLU A 476 11.06 -9.12 -70.21
C GLU A 476 10.02 -9.58 -71.20
N LEU A 477 8.81 -9.93 -70.70
CA LEU A 477 7.71 -10.33 -71.59
C LEU A 477 7.24 -9.19 -72.47
N HIS A 478 7.15 -7.98 -71.92
CA HIS A 478 6.77 -6.83 -72.72
C HIS A 478 7.70 -6.68 -73.91
N GLN A 479 9.01 -6.82 -73.68
CA GLN A 479 9.95 -6.91 -74.78
C GLN A 479 9.51 -7.97 -75.78
N GLN A 480 9.40 -9.22 -75.32
CA GLN A 480 9.13 -10.32 -76.23
C GLN A 480 7.82 -10.13 -77.00
N TYR A 481 6.78 -9.58 -76.36
CA TYR A 481 5.55 -9.32 -77.09
C TYR A 481 5.75 -8.22 -78.13
N LYS A 482 6.42 -7.13 -77.73
CA LYS A 482 6.64 -6.05 -78.68
C LYS A 482 7.50 -6.54 -79.86
N GLU A 483 8.41 -7.49 -79.60
CA GLU A 483 9.15 -8.16 -80.69
C GLU A 483 8.22 -9.01 -81.54
N ALA A 484 7.43 -9.87 -80.92
CA ALA A 484 6.57 -10.77 -81.68
C ALA A 484 5.50 -10.01 -82.44
N SER A 485 5.28 -8.77 -82.04
CA SER A 485 4.31 -7.96 -82.79
C SER A 485 4.99 -7.46 -84.07
N GLU A 486 6.30 -7.63 -84.18
CA GLU A 486 7.07 -7.15 -85.36
C GLU A 486 6.80 -8.07 -86.54
N VAL A 487 6.44 -9.31 -86.29
CA VAL A 487 6.12 -10.19 -87.44
C VAL A 487 4.75 -9.73 -87.88
N LYS A 488 4.67 -8.86 -88.86
CA LYS A 488 3.34 -8.31 -89.23
C LYS A 488 2.46 -9.35 -89.88
N PRO A 489 1.15 -9.13 -89.80
CA PRO A 489 0.16 -10.00 -90.36
C PRO A 489 0.08 -10.01 -91.89
N PRO A 490 -0.74 -10.88 -92.50
CA PRO A 490 -1.15 -12.15 -91.93
C PRO A 490 0.05 -13.05 -91.73
N ARG A 491 0.06 -13.68 -90.56
CA ARG A 491 1.18 -14.54 -90.15
C ARG A 491 0.69 -15.94 -89.94
N ASP A 492 1.59 -16.88 -89.79
CA ASP A 492 1.12 -18.26 -89.57
C ASP A 492 0.61 -18.40 -88.14
N ILE A 493 -0.10 -19.46 -87.87
CA ILE A 493 -0.72 -19.56 -86.53
C ILE A 493 0.30 -19.70 -85.40
N THR A 494 1.49 -20.23 -85.64
CA THR A 494 2.47 -20.30 -84.54
C THR A 494 2.89 -18.88 -84.22
N ALA A 495 2.91 -18.01 -85.20
CA ALA A 495 3.25 -16.62 -84.90
C ALA A 495 2.11 -15.92 -84.20
N GLU A 496 0.89 -16.15 -84.66
CA GLU A 496 -0.23 -15.46 -84.00
C GLU A 496 -0.30 -15.99 -82.59
N PHE A 497 -0.07 -17.29 -82.45
CA PHE A 497 -0.14 -17.95 -81.12
C PHE A 497 0.79 -17.21 -80.18
N LEU A 498 2.03 -17.07 -80.61
CA LEU A 498 3.06 -16.39 -79.79
C LEU A 498 2.58 -15.00 -79.42
N VAL A 499 2.06 -14.25 -80.35
CA VAL A 499 1.63 -12.88 -79.96
C VAL A 499 0.48 -13.00 -78.97
N LYS A 500 -0.53 -13.77 -79.30
CA LYS A 500 -1.69 -13.88 -78.37
C LYS A 500 -1.20 -14.41 -77.01
N SER A 501 -0.38 -15.44 -77.05
CA SER A 501 0.14 -16.08 -75.81
C SER A 501 0.82 -15.08 -74.91
N LYS A 502 1.87 -14.41 -75.37
CA LYS A 502 2.60 -13.46 -74.50
C LYS A 502 1.69 -12.34 -73.98
N HIS A 503 0.70 -11.89 -74.73
CA HIS A 503 -0.17 -10.82 -74.21
C HIS A 503 -1.00 -11.35 -73.04
N ARG A 504 -1.41 -12.61 -73.08
CA ARG A 504 -2.19 -13.09 -71.94
C ARG A 504 -1.24 -13.12 -70.74
N ASP A 505 -0.11 -13.78 -70.91
CA ASP A 505 0.91 -13.89 -69.85
C ASP A 505 1.25 -12.53 -69.26
N LEU A 506 1.50 -11.54 -70.08
CA LEU A 506 1.81 -10.22 -69.51
C LEU A 506 0.62 -9.75 -68.69
N THR A 507 -0.58 -9.85 -69.22
CA THR A 507 -1.75 -9.37 -68.44
C THR A 507 -1.84 -10.11 -67.11
N ALA A 508 -1.68 -11.43 -67.13
CA ALA A 508 -1.73 -12.20 -65.88
C ALA A 508 -0.74 -11.64 -64.89
N LEU A 509 0.53 -11.52 -65.26
CA LEU A 509 1.44 -11.02 -64.25
C LEU A 509 1.17 -9.56 -63.91
N CYS A 510 0.52 -8.80 -64.79
CA CYS A 510 -0.04 -7.51 -64.39
C CYS A 510 -1.20 -7.69 -63.42
N LYS A 511 -1.88 -8.83 -63.46
CA LYS A 511 -2.89 -9.15 -62.48
C LYS A 511 -2.25 -9.38 -61.11
N GLU A 512 -1.28 -10.30 -61.04
CA GLU A 512 -0.60 -10.61 -59.79
C GLU A 512 -0.02 -9.37 -59.13
N TYR A 513 0.59 -8.50 -59.93
CA TYR A 513 1.26 -7.32 -59.37
C TYR A 513 0.27 -6.33 -58.76
N ASP A 514 -1.00 -6.35 -59.17
CA ASP A 514 -1.95 -5.47 -58.52
C ASP A 514 -2.48 -6.06 -57.22
N GLU A 515 -2.66 -7.37 -57.18
CA GLU A 515 -2.94 -8.05 -55.93
C GLU A 515 -1.85 -7.79 -54.89
N LEU A 516 -0.63 -7.48 -55.32
CA LEU A 516 0.51 -7.28 -54.43
C LEU A 516 0.77 -5.81 -54.09
N ALA A 517 0.11 -4.87 -54.75
CA ALA A 517 0.13 -3.49 -54.28
C ALA A 517 -1.15 -3.13 -53.56
N GLU A 518 -2.20 -3.94 -53.73
CA GLU A 518 -3.30 -3.97 -52.77
C GLU A 518 -2.80 -4.43 -51.41
N THR A 519 -2.22 -5.64 -51.34
CA THR A 519 -1.69 -6.17 -50.11
C THR A 519 -0.54 -5.31 -49.54
N GLN A 520 0.18 -4.58 -50.38
CA GLN A 520 1.09 -3.55 -49.84
C GLN A 520 0.35 -2.47 -49.07
N GLY A 521 -0.71 -1.90 -49.65
CA GLY A 521 -1.41 -0.83 -48.95
C GLY A 521 -1.92 -1.25 -47.59
N LYS A 522 -2.41 -2.49 -47.46
CA LYS A 522 -2.82 -3.01 -46.17
C LYS A 522 -1.65 -3.01 -45.18
N LEU A 523 -0.51 -3.60 -45.58
CA LEU A 523 0.64 -3.68 -44.69
C LEU A 523 1.25 -2.30 -44.45
N GLU A 524 1.21 -1.42 -45.44
CA GLU A 524 1.82 -0.11 -45.24
C GLU A 524 1.01 0.77 -44.31
N GLU A 525 -0.28 0.47 -44.12
CA GLU A 525 -1.05 1.22 -43.13
C GLU A 525 -1.07 0.54 -41.76
N LYS A 526 -1.18 -0.80 -41.72
CA LYS A 526 -1.02 -1.53 -40.46
C LYS A 526 0.29 -1.18 -39.76
N LEU A 527 1.31 -0.75 -40.53
CA LEU A 527 2.54 -0.27 -39.94
C LEU A 527 2.38 1.13 -39.36
N GLN A 528 1.73 2.03 -40.09
CA GLN A 528 1.52 3.36 -39.53
C GLN A 528 0.51 3.32 -38.38
N GLU A 529 -0.33 2.29 -38.32
CA GLU A 529 -1.17 2.04 -37.14
C GLU A 529 -0.32 1.82 -35.90
N LEU A 530 0.62 0.86 -35.97
CA LEU A 530 1.34 0.46 -34.77
C LEU A 530 2.30 1.55 -34.28
N GLU A 531 2.93 2.32 -35.18
CA GLU A 531 3.71 3.44 -34.68
C GLU A 531 2.83 4.48 -34.02
N ALA A 532 1.53 4.48 -34.33
CA ALA A 532 0.60 5.43 -33.72
C ALA A 532 0.13 5.00 -32.33
N ASN A 533 0.04 3.67 -32.03
CA ASN A 533 -0.22 3.37 -30.62
C ASN A 533 1.00 2.69 -30.00
N PRO A 534 2.04 3.42 -29.61
CA PRO A 534 3.10 2.82 -28.81
C PRO A 534 2.66 2.72 -27.36
N PRO A 535 3.00 1.64 -26.66
CA PRO A 535 2.58 1.53 -25.25
C PRO A 535 3.28 2.56 -24.37
N SER A 536 3.08 2.47 -23.05
CA SER A 536 3.68 3.43 -22.13
C SER A 536 5.19 3.34 -22.20
N ASP A 537 5.84 4.51 -22.25
CA ASP A 537 7.29 4.57 -22.48
C ASP A 537 8.08 4.19 -21.24
N VAL A 538 7.56 4.54 -20.05
CA VAL A 538 8.14 4.15 -18.77
C VAL A 538 7.02 3.68 -17.85
N TYR A 539 7.41 3.37 -16.62
CA TYR A 539 6.38 2.99 -15.63
C TYR A 539 6.06 4.21 -14.78
N LEU A 540 7.10 4.89 -14.30
CA LEU A 540 6.88 6.12 -13.51
C LEU A 540 8.00 7.07 -13.85
N SER A 541 7.70 8.34 -14.11
CA SER A 541 8.80 9.26 -14.47
C SER A 541 9.50 9.72 -13.22
N SER A 542 10.75 10.17 -13.37
CA SER A 542 11.54 10.62 -12.21
C SER A 542 10.76 11.70 -11.47
N ARG A 543 9.64 12.14 -12.00
CA ARG A 543 8.92 13.17 -11.23
C ARG A 543 7.93 12.40 -10.37
N ASP A 544 7.13 11.54 -11.00
CA ASP A 544 6.12 10.73 -10.29
C ASP A 544 6.79 10.02 -9.12
N ARG A 545 7.91 9.38 -9.38
CA ARG A 545 8.63 8.64 -8.33
C ARG A 545 8.97 9.58 -7.18
N GLN A 546 9.13 10.88 -7.44
CA GLN A 546 9.33 11.74 -6.27
C GLN A 546 7.97 12.04 -5.65
N ILE A 547 6.90 12.07 -6.42
CA ILE A 547 5.63 12.32 -5.73
C ILE A 547 5.20 11.08 -4.95
N LEU A 548 5.38 9.90 -5.55
CA LEU A 548 5.10 8.65 -4.84
C LEU A 548 5.88 8.58 -3.53
N ASP A 549 7.18 8.94 -3.57
CA ASP A 549 8.02 8.87 -2.38
C ASP A 549 7.46 9.70 -1.25
N TRP A 550 6.65 10.71 -1.55
CA TRP A 550 5.99 11.44 -0.47
C TRP A 550 4.88 10.60 0.13
N HIS A 551 4.15 9.86 -0.70
CA HIS A 551 3.15 8.96 -0.16
C HIS A 551 3.82 7.87 0.70
N PHE A 552 5.02 7.44 0.33
CA PHE A 552 5.74 6.49 1.17
C PHE A 552 6.26 7.15 2.45
N ALA A 553 6.68 8.42 2.37
CA ALA A 553 7.05 9.13 3.58
C ALA A 553 5.87 9.31 4.52
N ASN A 554 4.67 9.42 3.95
CA ASN A 554 3.47 9.47 4.79
C ASN A 554 3.29 8.17 5.56
N LEU A 555 3.47 7.04 4.88
CA LEU A 555 3.31 5.75 5.53
C LEU A 555 4.40 5.52 6.57
N GLU A 556 5.60 6.02 6.30
CA GLU A 556 6.68 5.94 7.26
C GLU A 556 6.40 6.80 8.48
N PHE A 557 5.61 7.85 8.31
CA PHE A 557 5.04 8.59 9.44
C PHE A 557 3.98 7.81 10.20
N ALA A 558 3.04 7.17 9.50
CA ALA A 558 1.99 6.44 10.22
C ALA A 558 2.56 5.42 11.20
N ASN A 559 3.67 4.80 10.83
CA ASN A 559 4.24 3.73 11.66
C ASN A 559 5.54 4.16 12.28
N ALA A 560 5.90 5.41 12.07
CA ALA A 560 7.12 6.01 12.66
C ALA A 560 8.39 5.19 12.37
N THR A 561 8.54 4.65 11.19
CA THR A 561 9.77 3.88 10.94
C THR A 561 9.90 3.64 9.45
N PRO A 562 11.12 3.47 8.95
CA PRO A 562 11.33 3.15 7.57
C PRO A 562 10.60 1.86 7.19
N LEU A 563 10.16 1.74 5.94
CA LEU A 563 9.37 0.59 5.46
C LEU A 563 10.20 -0.66 5.20
N SER A 564 11.50 -0.63 5.44
CA SER A 564 12.36 -1.80 5.30
C SER A 564 12.37 -2.57 6.61
N THR A 565 11.80 -2.00 7.65
CA THR A 565 11.73 -2.62 8.99
C THR A 565 10.34 -3.24 9.18
N LEU A 566 9.29 -2.63 8.63
CA LEU A 566 7.93 -3.14 8.85
C LEU A 566 7.76 -4.56 8.34
N SER A 567 7.24 -5.45 9.20
CA SER A 567 6.88 -6.79 8.75
C SER A 567 5.80 -6.72 7.68
N LEU A 568 6.05 -7.34 6.52
CA LEU A 568 5.07 -7.28 5.44
C LEU A 568 3.76 -7.94 5.84
N LYS A 569 3.83 -9.10 6.51
CA LYS A 569 2.62 -9.83 6.85
C LYS A 569 1.77 -9.07 7.87
N HIS A 570 2.39 -8.54 8.93
CA HIS A 570 1.63 -8.09 10.09
C HIS A 570 1.62 -6.58 10.32
N TRP A 571 2.24 -5.79 9.45
CA TRP A 571 2.38 -4.37 9.80
C TRP A 571 1.03 -3.67 9.99
N ASP A 572 -0.06 -4.28 9.54
CA ASP A 572 -1.35 -3.62 9.59
C ASP A 572 -2.38 -4.50 10.29
N GLN A 573 -1.93 -5.32 11.25
CA GLN A 573 -2.82 -6.25 11.92
C GLN A 573 -3.84 -5.55 12.82
N ASP A 574 -3.56 -4.32 13.27
CA ASP A 574 -4.50 -3.56 14.09
C ASP A 574 -5.55 -2.81 13.26
N ASP A 575 -5.51 -2.91 11.92
CA ASP A 575 -6.41 -2.14 11.04
C ASP A 575 -7.87 -2.53 11.21
N ASP A 576 -8.15 -3.76 11.66
CA ASP A 576 -9.52 -4.24 11.83
C ASP A 576 -10.28 -3.52 12.95
N PHE A 577 -9.59 -2.73 13.79
CA PHE A 577 -10.20 -2.11 14.95
C PHE A 577 -10.22 -0.59 14.83
N GLU A 578 -10.10 -0.10 13.60
CA GLU A 578 -10.16 1.32 13.28
C GLU A 578 -11.41 1.94 13.88
N PHE A 579 -11.27 3.16 14.42
CA PHE A 579 -12.40 3.90 14.94
C PHE A 579 -13.16 4.59 13.80
N THR A 580 -14.48 4.79 13.99
CA THR A 580 -15.18 5.60 13.01
C THR A 580 -15.03 7.10 13.32
N GLY A 581 -15.40 7.94 12.37
CA GLY A 581 -15.39 9.38 12.53
C GLY A 581 -14.13 10.01 11.94
N SER A 582 -14.15 11.34 11.91
CA SER A 582 -12.98 12.04 11.40
C SER A 582 -11.91 12.16 12.49
N HIS A 583 -10.70 12.46 12.06
CA HIS A 583 -9.64 12.70 13.01
C HIS A 583 -9.72 14.14 13.51
N LEU A 584 -9.11 14.39 14.68
CA LEU A 584 -9.25 15.67 15.35
C LEU A 584 -7.92 16.10 15.96
N THR A 585 -7.88 17.35 16.38
CA THR A 585 -6.77 17.87 17.14
C THR A 585 -7.31 18.48 18.41
N VAL A 586 -6.39 18.73 19.31
CA VAL A 586 -6.70 19.30 20.61
C VAL A 586 -6.18 20.73 20.60
N ARG A 587 -7.07 21.68 20.29
CA ARG A 587 -6.63 23.06 20.08
C ARG A 587 -6.07 23.68 21.35
N ASN A 588 -6.44 23.16 22.54
CA ASN A 588 -5.88 23.65 23.79
C ASN A 588 -4.69 22.83 24.29
N GLY A 589 -4.12 21.95 23.48
CA GLY A 589 -2.92 21.21 23.86
C GLY A 589 -3.24 19.89 24.51
N TYR A 590 -2.70 18.78 23.96
CA TYR A 590 -3.16 17.47 24.39
C TYR A 590 -2.67 17.08 25.78
N SER A 591 -1.79 17.88 26.39
CA SER A 591 -1.42 17.63 27.78
C SER A 591 -2.52 18.00 28.74
N CYS A 592 -3.57 18.70 28.27
CA CYS A 592 -4.63 19.07 29.19
C CYS A 592 -5.32 17.84 29.77
N VAL A 593 -5.12 16.68 29.16
CA VAL A 593 -5.74 15.43 29.58
C VAL A 593 -4.92 14.78 30.69
N PRO A 594 -3.64 14.44 30.49
CA PRO A 594 -2.88 13.84 31.60
C PRO A 594 -2.84 14.74 32.82
N VAL A 595 -2.59 16.02 32.61
CA VAL A 595 -2.67 16.99 33.71
C VAL A 595 -4.01 16.92 34.42
N ALA A 596 -5.07 16.53 33.70
CA ALA A 596 -6.36 16.38 34.35
C ALA A 596 -6.43 15.11 35.18
N LEU A 597 -6.07 13.97 34.58
CA LEU A 597 -6.09 12.69 35.29
C LEU A 597 -5.23 12.72 36.53
N ALA A 598 -4.20 13.57 36.54
CA ALA A 598 -3.21 13.55 37.60
C ALA A 598 -3.70 14.14 38.91
N GLU A 599 -4.88 14.78 38.97
CA GLU A 599 -5.21 15.42 40.24
C GLU A 599 -5.42 14.35 41.31
N GLY A 600 -5.07 14.69 42.55
CA GLY A 600 -5.38 13.78 43.64
C GLY A 600 -4.58 12.50 43.67
N LEU A 601 -3.53 12.41 42.86
CA LEU A 601 -2.69 11.23 42.83
C LEU A 601 -1.34 11.54 43.44
N ASP A 602 -0.70 10.49 43.98
CA ASP A 602 0.61 10.61 44.61
C ASP A 602 1.70 10.45 43.55
N ILE A 603 2.26 11.55 43.06
CA ILE A 603 3.21 11.49 41.96
C ILE A 603 4.55 12.06 42.45
N LYS A 604 5.61 11.28 42.26
CA LYS A 604 6.96 11.69 42.61
C LYS A 604 7.67 12.11 41.34
N LEU A 605 7.75 13.41 41.09
CA LEU A 605 8.47 13.82 39.89
C LEU A 605 9.98 13.79 40.15
N ASN A 606 10.74 13.87 39.06
CA ASN A 606 12.21 13.86 39.10
C ASN A 606 12.72 12.65 39.89
N THR A 607 12.10 11.50 39.65
CA THR A 607 12.37 10.29 40.40
C THR A 607 12.61 9.21 39.35
N ALA A 608 13.85 8.84 39.15
CA ALA A 608 14.14 7.87 38.09
C ALA A 608 14.37 6.48 38.64
N VAL A 609 13.62 5.51 38.19
CA VAL A 609 13.86 4.14 38.72
C VAL A 609 15.16 3.63 38.11
N ARG A 610 15.98 2.94 38.89
CA ARG A 610 17.25 2.38 38.38
C ARG A 610 17.17 0.87 38.54
N GLN A 611 16.31 0.38 39.44
CA GLN A 611 16.27 -1.07 39.67
C GLN A 611 14.93 -1.50 40.24
N VAL A 612 14.44 -2.65 39.78
CA VAL A 612 13.21 -3.25 40.24
C VAL A 612 13.51 -4.63 40.77
N ARG A 613 13.21 -4.85 42.05
CA ARG A 613 13.37 -6.12 42.74
C ARG A 613 11.99 -6.69 43.03
N TYR A 614 11.72 -7.88 42.52
CA TYR A 614 10.43 -8.52 42.70
C TYR A 614 10.72 -9.94 43.20
N THR A 615 10.03 -10.34 44.26
CA THR A 615 10.33 -11.59 44.97
C THR A 615 9.03 -12.15 45.51
N ALA A 616 9.12 -13.34 46.11
CA ALA A 616 7.90 -14.01 46.55
C ALA A 616 7.16 -13.19 47.58
N SER A 617 7.87 -12.46 48.42
CA SER A 617 7.22 -11.74 49.51
C SER A 617 6.81 -10.31 49.13
N GLY A 618 7.31 -9.79 48.02
CA GLY A 618 6.94 -8.43 47.61
C GLY A 618 8.00 -7.81 46.71
N CYS A 619 8.00 -6.46 46.67
CA CYS A 619 8.83 -5.73 45.73
C CYS A 619 9.42 -4.49 46.39
N GLU A 620 10.63 -4.17 45.96
CA GLU A 620 11.27 -2.90 46.25
C GLU A 620 11.80 -2.28 44.96
N VAL A 621 11.46 -1.01 44.78
CA VAL A 621 11.87 -0.24 43.60
C VAL A 621 12.86 0.81 44.10
N ILE A 622 14.00 0.91 43.43
CA ILE A 622 15.09 1.81 43.83
C ILE A 622 15.20 2.93 42.82
N ALA A 623 14.91 4.17 43.25
CA ALA A 623 14.98 5.34 42.38
C ALA A 623 15.95 6.38 42.92
N VAL A 624 16.53 7.15 42.00
CA VAL A 624 17.39 8.27 42.34
C VAL A 624 16.65 9.57 42.04
N ASN A 625 17.22 10.68 42.52
CA ASN A 625 16.75 12.01 42.16
C ASN A 625 17.46 12.47 40.89
N THR A 626 16.69 12.79 39.86
CA THR A 626 17.31 13.20 38.58
C THR A 626 18.19 14.44 38.78
N ARG A 627 17.76 15.38 39.63
CA ARG A 627 18.51 16.61 39.84
C ARG A 627 19.88 16.33 40.48
N SER A 628 19.91 15.65 41.62
CA SER A 628 21.15 15.19 42.25
C SER A 628 21.11 13.68 42.40
N THR A 629 21.65 12.96 41.41
CA THR A 629 21.60 11.50 41.42
C THR A 629 22.27 10.90 42.66
N SER A 630 22.89 11.73 43.50
CA SER A 630 23.30 11.29 44.83
C SER A 630 22.11 10.68 45.60
N GLN A 631 21.07 11.48 45.84
CA GLN A 631 19.95 11.10 46.69
C GLN A 631 19.22 9.86 46.18
N THR A 632 19.16 8.82 47.01
CA THR A 632 18.66 7.50 46.65
C THR A 632 17.40 7.16 47.44
N PHE A 633 16.46 6.47 46.78
CA PHE A 633 15.13 6.21 47.32
C PHE A 633 14.76 4.73 47.22
N ILE A 634 14.02 4.27 48.22
CA ILE A 634 13.60 2.89 48.32
C ILE A 634 12.09 2.88 48.54
N TYR A 635 11.39 2.07 47.75
CA TYR A 635 9.93 1.99 47.73
C TYR A 635 9.56 0.52 47.78
N LYS A 636 8.88 0.12 48.84
CA LYS A 636 8.46 -1.25 49.01
C LYS A 636 6.98 -1.31 48.68
N CYS A 637 6.51 -2.45 48.16
CA CYS A 637 5.15 -2.56 47.65
C CYS A 637 4.82 -4.01 47.41
N ASP A 638 3.50 -4.26 47.27
CA ASP A 638 2.98 -5.57 46.91
C ASP A 638 3.19 -5.88 45.43
N ALA A 639 3.15 -4.85 44.57
CA ALA A 639 3.21 -5.02 43.11
C ALA A 639 3.76 -3.77 42.44
N VAL A 640 4.49 -4.00 41.35
CA VAL A 640 4.97 -2.95 40.46
C VAL A 640 4.22 -3.01 39.14
N LEU A 641 3.65 -1.88 38.71
CA LEU A 641 3.18 -1.71 37.32
C LEU A 641 4.23 -0.93 36.54
N CYS A 642 4.89 -1.61 35.62
CA CYS A 642 5.87 -0.99 34.73
C CYS A 642 5.18 -0.39 33.49
N THR A 643 5.19 0.93 33.32
CA THR A 643 4.76 1.49 32.04
C THR A 643 5.93 2.16 31.33
N LEU A 644 7.14 1.66 31.55
CA LEU A 644 8.32 2.19 30.89
C LEU A 644 8.17 2.01 29.38
N PRO A 645 8.47 3.04 28.58
CA PRO A 645 8.42 2.89 27.13
C PRO A 645 9.21 1.68 26.64
N LEU A 646 8.81 1.13 25.48
CA LEU A 646 9.57 0.02 24.89
C LEU A 646 10.97 0.45 24.49
N GLY A 647 11.18 1.74 24.24
CA GLY A 647 12.52 2.18 23.93
C GLY A 647 13.44 2.09 25.12
N VAL A 648 12.88 2.23 26.32
CA VAL A 648 13.71 2.17 27.51
C VAL A 648 14.05 0.71 27.82
N LEU A 649 13.08 -0.16 27.75
CA LEU A 649 13.35 -1.58 28.03
C LEU A 649 14.32 -2.13 27.00
N LYS A 650 14.53 -1.41 25.92
CA LYS A 650 15.39 -1.98 24.86
C LYS A 650 16.82 -1.47 25.03
N GLN A 651 16.99 -0.39 25.79
CA GLN A 651 18.30 0.28 25.99
C GLN A 651 19.39 -0.73 26.33
N GLN A 652 20.54 -0.61 25.68
CA GLN A 652 21.69 -1.51 25.96
C GLN A 652 22.93 -0.63 26.15
N PRO A 653 23.45 -0.41 27.37
CA PRO A 653 23.22 -1.26 28.50
C PRO A 653 21.98 -0.75 29.24
N PRO A 654 21.33 -1.63 29.99
CA PRO A 654 20.08 -1.33 30.63
C PRO A 654 19.96 -0.01 31.38
N ALA A 655 18.82 0.64 31.24
CA ALA A 655 18.59 1.86 32.03
C ALA A 655 17.93 1.45 33.32
N VAL A 656 17.28 0.29 33.32
CA VAL A 656 16.63 -0.22 34.55
C VAL A 656 17.01 -1.68 34.65
N GLN A 657 17.40 -2.10 35.84
CA GLN A 657 17.85 -3.45 36.10
C GLN A 657 16.67 -4.21 36.69
N PHE A 658 16.42 -5.39 36.17
CA PHE A 658 15.39 -6.23 36.74
C PHE A 658 16.08 -7.31 37.55
N VAL A 659 15.60 -7.48 38.77
CA VAL A 659 16.16 -8.39 39.76
C VAL A 659 15.02 -9.23 40.28
N PRO A 660 14.94 -10.52 39.91
CA PRO A 660 15.85 -11.23 38.99
C PRO A 660 15.58 -10.82 37.56
N PRO A 661 16.48 -11.13 36.63
CA PRO A 661 16.27 -10.70 35.24
C PRO A 661 14.92 -11.18 34.67
N LEU A 662 14.41 -10.43 33.69
CA LEU A 662 13.22 -10.85 32.99
C LEU A 662 13.50 -12.15 32.27
N PRO A 663 12.53 -13.07 32.22
CA PRO A 663 12.78 -14.35 31.52
C PRO A 663 13.00 -14.12 30.04
N GLU A 664 13.59 -15.14 29.40
CA GLU A 664 13.90 -15.04 27.98
C GLU A 664 12.65 -14.81 27.12
N TRP A 665 11.52 -15.41 27.47
CA TRP A 665 10.36 -15.16 26.64
C TRP A 665 9.96 -13.70 26.70
N LYS A 666 10.29 -13.00 27.77
CA LYS A 666 9.95 -11.59 27.75
C LYS A 666 11.03 -10.76 27.08
N THR A 667 12.31 -11.03 27.36
CA THR A 667 13.35 -10.22 26.73
C THR A 667 13.39 -10.43 25.21
N SER A 668 13.02 -11.63 24.73
CA SER A 668 13.02 -11.89 23.29
C SER A 668 11.88 -11.20 22.59
N ALA A 669 10.72 -11.09 23.23
CA ALA A 669 9.71 -10.22 22.67
C ALA A 669 10.21 -8.79 22.60
N VAL A 670 11.04 -8.38 23.57
CA VAL A 670 11.55 -6.99 23.60
C VAL A 670 12.51 -6.73 22.43
N GLN A 671 13.38 -7.69 22.11
CA GLN A 671 14.27 -7.47 20.99
C GLN A 671 13.51 -7.47 19.67
N ARG A 672 12.47 -8.31 19.57
CA ARG A 672 11.85 -8.52 18.27
C ARG A 672 10.99 -7.34 17.87
N MET A 673 10.30 -6.73 18.82
CA MET A 673 9.46 -5.61 18.46
C MET A 673 10.31 -4.47 17.92
N GLY A 674 9.63 -3.52 17.29
CA GLY A 674 10.28 -2.33 16.78
C GLY A 674 9.90 -1.15 17.64
N PHE A 675 10.83 -0.23 17.82
CA PHE A 675 10.49 1.06 18.42
C PHE A 675 10.86 2.14 17.42
N GLY A 676 9.84 2.81 16.90
CA GLY A 676 10.04 3.80 15.87
C GLY A 676 10.51 5.13 16.40
N ASN A 677 10.63 6.08 15.47
CA ASN A 677 11.05 7.44 15.73
C ASN A 677 10.26 8.37 14.80
N LEU A 678 10.08 9.62 15.24
CA LEU A 678 9.26 10.61 14.55
C LEU A 678 9.38 11.95 15.28
N ASN A 679 9.84 13.01 14.60
CA ASN A 679 10.16 14.26 15.26
C ASN A 679 9.41 15.45 14.65
N LYS A 680 9.21 16.49 15.44
CA LYS A 680 8.40 17.64 15.05
C LYS A 680 9.20 18.92 15.18
N VAL A 681 8.89 19.90 14.33
CA VAL A 681 9.49 21.22 14.39
C VAL A 681 8.36 22.21 14.52
N VAL A 682 8.36 22.99 15.59
CA VAL A 682 7.28 23.92 15.87
C VAL A 682 7.77 25.30 15.52
N LEU A 683 7.09 25.96 14.57
CA LEU A 683 7.46 27.28 14.06
C LEU A 683 6.39 28.28 14.49
N CYS A 684 6.79 29.26 15.30
CA CYS A 684 5.88 30.23 15.91
C CYS A 684 6.07 31.61 15.27
N PHE A 685 5.05 32.05 14.52
CA PHE A 685 5.10 33.29 13.78
C PHE A 685 4.21 34.35 14.42
N ASP A 686 4.34 35.57 13.91
CA ASP A 686 3.64 36.74 14.40
C ASP A 686 2.49 37.16 13.50
N ARG A 687 2.19 36.39 12.45
CA ARG A 687 1.14 36.70 11.50
C ARG A 687 0.91 35.53 10.54
N VAL A 688 -0.34 35.23 10.25
CA VAL A 688 -0.68 34.08 9.42
C VAL A 688 -0.36 34.42 7.96
N PHE A 689 0.48 33.59 7.32
CA PHE A 689 0.84 33.81 5.93
C PHE A 689 0.53 32.61 5.04
N TRP A 690 -0.33 31.71 5.49
CA TRP A 690 -0.61 30.49 4.76
C TRP A 690 -2.11 30.41 4.54
N ASP A 691 -2.53 29.42 3.81
CA ASP A 691 -3.96 29.20 3.69
C ASP A 691 -4.53 28.80 5.04
N PRO A 692 -5.33 29.66 5.70
CA PRO A 692 -5.85 29.31 7.03
C PRO A 692 -6.93 28.24 7.03
N SER A 693 -7.62 28.04 5.90
CA SER A 693 -8.63 26.99 5.79
C SER A 693 -8.01 25.64 5.48
N VAL A 694 -6.74 25.61 5.11
CA VAL A 694 -5.95 24.39 5.02
C VAL A 694 -5.43 24.04 6.40
N ASN A 695 -5.71 22.81 6.83
CA ASN A 695 -5.11 22.31 8.07
C ASN A 695 -3.72 21.74 7.82
N LEU A 696 -3.42 21.29 6.60
CA LEU A 696 -2.17 20.58 6.34
C LEU A 696 -1.80 20.66 4.86
N PHE A 697 -0.50 20.75 4.58
CA PHE A 697 0.00 20.75 3.21
C PHE A 697 1.35 20.07 3.15
N GLY A 698 1.70 19.57 1.97
CA GLY A 698 2.91 18.75 1.85
C GLY A 698 4.06 19.38 1.08
N HIS A 699 5.26 18.86 1.31
CA HIS A 699 6.45 19.19 0.55
C HIS A 699 7.04 17.91 -0.03
N VAL A 700 7.30 17.92 -1.32
CA VAL A 700 7.83 16.73 -1.95
C VAL A 700 9.34 16.84 -2.02
N GLY A 701 10.02 15.72 -1.76
CA GLY A 701 11.43 15.72 -1.48
C GLY A 701 12.28 15.39 -2.71
N SER A 702 13.50 15.92 -2.68
CA SER A 702 14.42 15.86 -3.82
C SER A 702 14.82 14.41 -4.14
N THR A 703 15.06 13.61 -3.11
CA THR A 703 15.54 12.26 -3.31
C THR A 703 14.68 11.32 -2.50
N THR A 704 14.87 10.02 -2.75
CA THR A 704 14.22 9.00 -1.95
C THR A 704 14.69 9.05 -0.50
N ALA A 705 16.00 9.18 -0.30
CA ALA A 705 16.54 9.20 1.04
C ALA A 705 15.91 10.29 1.89
N SER A 706 15.73 11.49 1.33
CA SER A 706 15.22 12.59 2.12
C SER A 706 13.70 12.66 2.09
N ARG A 707 13.03 11.58 1.70
CA ARG A 707 11.59 11.67 1.49
C ARG A 707 10.85 12.09 2.76
N GLY A 708 11.33 11.66 3.93
CA GLY A 708 10.65 11.99 5.17
C GLY A 708 11.06 13.31 5.80
N GLU A 709 12.04 14.00 5.20
CA GLU A 709 12.71 15.17 5.79
C GLU A 709 11.88 16.42 5.52
N LEU A 710 11.09 16.82 6.51
CA LEU A 710 10.28 18.03 6.45
C LEU A 710 9.22 17.98 5.36
N PHE A 711 8.45 16.88 5.30
CA PHE A 711 7.52 16.62 4.21
C PHE A 711 6.08 17.02 4.50
N LEU A 712 5.76 17.55 5.69
CA LEU A 712 4.35 17.82 5.92
C LEU A 712 4.23 18.93 6.97
N PHE A 713 3.25 19.82 6.79
CA PHE A 713 3.06 20.95 7.69
C PHE A 713 1.62 20.98 8.21
N TRP A 714 1.43 21.52 9.42
CA TRP A 714 0.13 21.49 10.10
C TRP A 714 -0.22 22.90 10.60
N ASN A 715 -1.40 23.41 10.25
CA ASN A 715 -2.09 24.47 11.00
C ASN A 715 -3.29 23.89 11.72
N LEU A 716 -3.20 23.90 13.08
CA LEU A 716 -4.16 23.28 13.98
C LEU A 716 -4.61 24.20 15.11
N TYR A 717 -3.79 25.15 15.56
CA TYR A 717 -4.03 25.93 16.76
C TYR A 717 -4.42 27.37 16.42
N LYS A 718 -4.98 28.03 17.44
CA LYS A 718 -5.45 29.42 17.32
C LYS A 718 -4.33 30.35 16.85
N ALA A 719 -3.32 30.52 17.69
CA ALA A 719 -2.16 31.33 17.38
C ALA A 719 -1.53 30.91 16.05
N PRO A 720 -0.78 31.80 15.39
CA PRO A 720 -0.18 31.43 14.11
C PRO A 720 1.02 30.51 14.28
N ILE A 721 0.74 29.21 14.32
CA ILE A 721 1.75 28.19 14.49
C ILE A 721 1.67 27.21 13.33
N LEU A 722 2.82 26.96 12.73
CA LEU A 722 3.01 25.90 11.75
C LEU A 722 3.86 24.82 12.37
N LEU A 723 3.51 23.57 12.06
CA LEU A 723 4.15 22.41 12.67
C LEU A 723 4.60 21.49 11.55
N ALA A 724 5.85 21.06 11.59
CA ALA A 724 6.46 20.30 10.51
C ALA A 724 6.94 18.93 11.00
N LEU A 725 6.70 17.89 10.19
CA LEU A 725 7.09 16.51 10.49
C LEU A 725 8.46 16.16 9.93
N VAL A 726 9.14 15.20 10.57
CA VAL A 726 10.39 14.64 10.08
C VAL A 726 10.38 13.13 10.25
N ALA A 727 9.94 12.37 9.23
CA ALA A 727 9.65 10.94 9.41
C ALA A 727 10.69 10.07 8.71
N GLY A 728 10.48 8.75 8.80
CA GLY A 728 11.28 7.72 8.15
C GLY A 728 12.75 7.89 8.43
N GLU A 729 13.59 7.42 7.52
CA GLU A 729 15.06 7.42 7.71
C GLU A 729 15.57 8.80 8.10
N ALA A 730 14.84 9.84 7.76
CA ALA A 730 15.34 11.18 8.06
C ALA A 730 15.35 11.45 9.55
N ALA A 731 14.30 11.04 10.23
CA ALA A 731 14.08 11.34 11.65
C ALA A 731 15.32 11.14 12.50
N GLY A 732 15.92 9.96 12.42
CA GLY A 732 17.11 9.67 13.24
C GLY A 732 18.26 10.55 12.84
N ILE A 733 18.42 10.76 11.54
CA ILE A 733 19.56 11.55 11.02
C ILE A 733 19.36 13.01 11.36
N MET A 734 18.14 13.45 11.60
CA MET A 734 17.96 14.89 11.84
C MET A 734 18.16 15.26 13.30
N GLU A 735 18.53 14.31 14.15
CA GLU A 735 18.73 14.66 15.56
C GLU A 735 20.17 15.10 15.77
N ASN A 736 21.04 14.84 14.81
CA ASN A 736 22.44 15.29 14.98
C ASN A 736 22.64 16.57 14.20
N ILE A 737 21.64 17.43 14.16
CA ILE A 737 21.81 18.67 13.38
C ILE A 737 21.18 19.75 14.22
N SER A 738 21.85 20.88 14.38
CA SER A 738 21.38 21.98 15.26
C SER A 738 20.02 22.52 14.84
N ASP A 739 19.25 23.05 15.81
CA ASP A 739 17.96 23.65 15.53
C ASP A 739 18.05 24.67 14.39
N ASP A 740 19.05 25.53 14.44
CA ASP A 740 19.13 26.64 13.50
C ASP A 740 19.17 26.12 12.06
N VAL A 741 19.93 25.06 11.82
CA VAL A 741 19.94 24.47 10.50
C VAL A 741 18.58 23.88 10.16
N ILE A 742 17.95 23.18 11.11
CA ILE A 742 16.65 22.57 10.86
C ILE A 742 15.60 23.64 10.59
N VAL A 743 15.62 24.73 11.35
CA VAL A 743 14.67 25.81 11.05
C VAL A 743 15.08 26.52 9.76
N GLY A 744 16.38 26.58 9.48
CA GLY A 744 16.92 27.03 8.21
C GLY A 744 16.21 26.33 7.06
N ARG A 745 16.37 25.01 6.98
CA ARG A 745 15.68 24.26 5.93
C ARG A 745 14.17 24.53 5.95
N CYS A 746 13.55 24.52 7.14
CA CYS A 746 12.11 24.77 7.23
C CYS A 746 11.70 26.07 6.57
N LEU A 747 12.48 27.12 6.75
CA LEU A 747 12.09 28.40 6.17
C LEU A 747 12.34 28.45 4.67
N ALA A 748 13.40 27.79 4.18
CA ALA A 748 13.56 27.57 2.74
C ALA A 748 12.30 26.94 2.14
N ILE A 749 11.91 25.75 2.60
CA ILE A 749 10.73 25.06 2.06
C ILE A 749 9.49 25.94 2.12
N LEU A 750 9.38 26.81 3.12
CA LEU A 750 8.24 27.72 3.18
C LEU A 750 8.37 28.88 2.20
N LYS A 751 9.57 29.49 2.09
CA LYS A 751 9.79 30.54 1.10
C LYS A 751 9.47 30.05 -0.30
N GLY A 752 10.02 28.90 -0.69
CA GLY A 752 9.77 28.34 -2.01
C GLY A 752 8.30 28.19 -2.37
N ILE A 753 7.48 28.10 -1.34
CA ILE A 753 6.01 27.91 -1.55
C ILE A 753 5.30 29.24 -1.42
N PHE A 754 5.62 30.02 -0.41
CA PHE A 754 4.82 31.25 -0.24
C PHE A 754 5.59 32.46 -0.74
N GLY A 755 6.87 32.29 -1.05
CA GLY A 755 7.60 33.46 -1.53
C GLY A 755 8.34 34.15 -0.41
N SER A 756 9.59 34.54 -0.69
CA SER A 756 10.59 35.11 0.25
C SER A 756 10.21 36.41 0.96
N SER A 757 9.03 36.96 0.74
CA SER A 757 8.74 38.22 1.45
C SER A 757 7.56 38.06 2.39
N ALA A 758 6.89 36.92 2.35
CA ALA A 758 5.71 36.77 3.24
C ALA A 758 6.15 36.17 4.56
N VAL A 759 6.89 35.07 4.50
CA VAL A 759 7.35 34.31 5.70
C VAL A 759 8.40 35.10 6.46
N PRO A 760 8.12 35.59 7.68
CA PRO A 760 9.10 36.32 8.45
C PRO A 760 9.91 35.39 9.35
N GLN A 761 10.73 35.95 10.21
CA GLN A 761 11.50 35.09 11.13
C GLN A 761 10.50 34.61 12.16
N PRO A 762 10.56 33.35 12.62
CA PRO A 762 9.63 32.87 13.62
C PRO A 762 10.07 33.44 14.96
N LYS A 763 9.12 33.69 15.85
CA LYS A 763 9.47 34.27 17.16
C LYS A 763 10.01 33.18 18.08
N GLU A 764 9.32 32.04 18.13
CA GLU A 764 9.75 30.91 18.96
C GLU A 764 9.88 29.66 18.09
N THR A 765 10.87 28.83 18.43
CA THR A 765 11.20 27.61 17.69
C THR A 765 11.54 26.48 18.65
N VAL A 766 10.93 25.31 18.42
CA VAL A 766 11.13 24.10 19.21
C VAL A 766 11.32 22.92 18.26
N VAL A 767 12.36 22.14 18.48
CA VAL A 767 12.60 20.90 17.68
C VAL A 767 12.66 19.74 18.67
N SER A 768 12.20 18.55 18.33
CA SER A 768 12.17 17.44 19.30
C SER A 768 13.04 16.28 18.85
N ARG A 769 13.66 15.57 19.78
CA ARG A 769 14.45 14.37 19.45
C ARG A 769 14.08 13.23 20.38
N TRP A 770 12.98 12.56 20.11
CA TRP A 770 12.51 11.46 20.97
C TRP A 770 13.51 10.33 21.00
N ARG A 771 14.30 10.14 19.97
CA ARG A 771 15.26 9.04 20.09
C ARG A 771 16.37 9.42 21.09
N ALA A 772 16.60 10.71 21.28
CA ALA A 772 17.65 11.15 22.20
C ALA A 772 17.14 11.22 23.62
N ASP A 773 15.85 11.46 23.78
CA ASP A 773 15.25 11.57 25.09
C ASP A 773 15.53 10.30 25.88
N PRO A 774 16.14 10.39 27.05
CA PRO A 774 16.37 9.19 27.87
C PRO A 774 15.09 8.50 28.40
N TRP A 775 13.94 9.18 28.46
CA TRP A 775 12.68 8.67 28.98
C TRP A 775 11.72 8.25 27.88
N ALA A 776 12.17 8.24 26.62
CA ALA A 776 11.37 7.71 25.52
C ALA A 776 12.24 6.74 24.74
N ARG A 777 13.38 7.19 24.24
CA ARG A 777 14.21 6.45 23.31
C ARG A 777 13.46 6.08 22.03
N GLY A 778 12.74 7.03 21.46
CA GLY A 778 11.94 6.88 20.27
C GLY A 778 10.55 7.39 20.50
N SER A 779 9.65 7.14 19.55
CA SER A 779 8.32 7.74 19.57
C SER A 779 7.19 6.76 19.83
N TYR A 780 7.18 5.59 19.19
CA TYR A 780 6.14 4.57 19.45
C TYR A 780 6.47 3.32 18.65
N SER A 781 5.78 2.24 18.97
CA SER A 781 6.19 0.94 18.48
C SER A 781 5.48 0.56 17.18
N TYR A 782 6.01 -0.47 16.56
CA TYR A 782 5.58 -0.92 15.26
C TYR A 782 5.81 -2.42 15.22
N VAL A 783 5.31 -3.09 14.18
CA VAL A 783 5.47 -4.53 14.05
C VAL A 783 6.65 -4.75 13.11
N ALA A 784 7.80 -5.04 13.68
CA ALA A 784 9.02 -5.21 12.90
C ALA A 784 8.97 -6.52 12.15
N ALA A 785 9.66 -6.53 11.00
CA ALA A 785 9.88 -7.78 10.28
C ALA A 785 10.51 -8.79 11.21
N GLY A 786 9.87 -9.97 11.34
CA GLY A 786 10.26 -10.97 12.31
C GLY A 786 9.39 -11.03 13.56
N SER A 787 8.58 -10.01 13.80
CA SER A 787 7.68 -9.95 14.96
C SER A 787 6.28 -10.26 14.47
N SER A 788 5.30 -10.01 15.33
CA SER A 788 3.89 -10.23 15.04
C SER A 788 3.12 -9.61 16.20
N GLY A 789 1.82 -9.48 16.02
CA GLY A 789 1.02 -8.92 17.10
C GLY A 789 1.01 -9.78 18.35
N ASN A 790 1.39 -11.06 18.22
CA ASN A 790 1.59 -11.88 19.41
C ASN A 790 2.75 -11.40 20.31
N ASP A 791 3.76 -10.74 19.76
CA ASP A 791 4.74 -10.14 20.66
C ASP A 791 4.11 -9.07 21.57
N TYR A 792 3.08 -8.37 21.10
CA TYR A 792 2.41 -7.39 21.95
C TYR A 792 1.68 -8.05 23.13
N ASP A 793 1.35 -9.34 23.04
CA ASP A 793 0.66 -10.00 24.14
C ASP A 793 1.63 -10.67 25.10
N LEU A 794 2.79 -11.06 24.60
CA LEU A 794 3.91 -11.36 25.45
C LEU A 794 4.28 -10.18 26.33
N MET A 795 4.36 -8.96 25.76
CA MET A 795 4.68 -7.78 26.57
C MET A 795 3.78 -7.64 27.74
N ALA A 796 2.58 -8.19 27.65
CA ALA A 796 1.64 -7.86 28.72
C ALA A 796 1.53 -8.95 29.77
N GLN A 797 1.98 -10.15 29.50
CA GLN A 797 1.82 -11.18 30.53
C GLN A 797 2.62 -10.76 31.74
N PRO A 798 2.05 -10.71 32.94
CA PRO A 798 2.79 -10.33 34.11
C PRO A 798 3.81 -11.36 34.59
N ILE A 799 4.69 -10.97 35.51
CA ILE A 799 5.71 -11.93 35.99
C ILE A 799 5.45 -12.38 37.42
N THR A 800 5.52 -13.69 37.62
CA THR A 800 5.37 -14.34 38.94
C THR A 800 6.75 -14.87 39.30
N PRO A 801 7.40 -14.34 40.33
CA PRO A 801 8.74 -14.74 40.66
C PRO A 801 8.76 -16.07 41.37
N GLY A 802 9.94 -16.68 41.47
CA GLY A 802 10.07 -17.98 42.12
C GLY A 802 9.91 -17.96 43.63
N PRO A 803 9.85 -19.12 44.28
CA PRO A 803 9.67 -19.12 45.71
C PRO A 803 10.99 -18.76 46.40
N SER A 804 10.91 -18.09 47.55
CA SER A 804 12.10 -17.72 48.35
C SER A 804 12.58 -18.97 49.09
N ILE A 805 11.68 -19.63 49.82
CA ILE A 805 12.04 -20.88 50.51
C ILE A 805 11.81 -21.98 49.49
N PRO A 806 12.79 -22.82 49.15
CA PRO A 806 12.57 -23.85 48.15
C PRO A 806 11.54 -24.81 48.73
N GLY A 807 10.55 -25.16 47.94
CA GLY A 807 9.52 -26.07 48.44
C GLY A 807 8.27 -25.31 48.81
N ALA A 808 8.36 -23.99 48.83
CA ALA A 808 7.15 -23.22 49.11
C ALA A 808 6.35 -23.12 47.84
N PRO A 809 5.04 -22.90 47.92
CA PRO A 809 4.21 -22.89 46.75
C PRO A 809 4.35 -21.63 45.90
N GLN A 810 4.07 -21.81 44.61
CA GLN A 810 4.07 -20.79 43.53
C GLN A 810 3.34 -19.55 44.04
N PRO A 811 3.96 -18.37 44.05
CA PRO A 811 3.29 -17.21 44.56
C PRO A 811 2.27 -16.52 43.65
N ILE A 812 2.20 -15.22 43.87
CA ILE A 812 1.34 -14.24 43.19
C ILE A 812 2.18 -13.57 42.10
N PRO A 813 1.59 -13.03 41.04
CA PRO A 813 2.32 -12.25 40.08
C PRO A 813 2.65 -10.94 40.80
N ARG A 814 3.84 -10.41 40.55
CA ARG A 814 4.24 -9.22 41.32
C ARG A 814 4.55 -8.05 40.40
N LEU A 815 4.95 -8.35 39.19
CA LEU A 815 5.40 -7.35 38.20
C LEU A 815 4.41 -7.30 37.03
N PHE A 816 3.81 -6.14 36.78
CA PHE A 816 2.83 -6.01 35.69
C PHE A 816 3.31 -5.01 34.65
N PHE A 817 2.72 -5.05 33.47
CA PHE A 817 3.17 -4.13 32.40
C PHE A 817 2.00 -3.54 31.67
N ALA A 818 2.12 -2.26 31.33
CA ALA A 818 1.11 -1.52 30.58
C ALA A 818 1.80 -0.51 29.69
N GLY A 819 1.02 0.31 29.01
CA GLY A 819 1.55 1.30 28.07
C GLY A 819 1.33 0.87 26.64
N GLU A 820 1.50 1.76 25.68
CA GLU A 820 1.23 1.47 24.24
C GLU A 820 1.87 0.19 23.69
N HIS A 821 2.97 -0.32 24.18
CA HIS A 821 3.53 -1.55 23.56
C HIS A 821 2.92 -2.83 24.16
N THR A 822 1.80 -2.78 24.87
CA THR A 822 1.25 -4.01 25.47
C THR A 822 -0.20 -4.24 25.05
N ILE A 823 -0.75 -3.41 24.18
CA ILE A 823 -2.17 -3.62 23.77
C ILE A 823 -2.14 -3.98 22.29
N ARG A 824 -2.48 -5.22 21.97
CA ARG A 824 -2.32 -5.80 20.63
C ARG A 824 -3.22 -5.12 19.61
N ASN A 825 -4.50 -4.94 19.93
CA ASN A 825 -5.40 -4.33 18.95
C ASN A 825 -5.33 -2.81 18.89
N TYR A 826 -4.53 -2.14 19.78
CA TYR A 826 -4.53 -0.68 19.70
C TYR A 826 -3.15 -0.08 20.00
N PRO A 827 -2.07 -0.56 19.37
CA PRO A 827 -0.74 -0.08 19.74
C PRO A 827 -0.53 1.37 19.34
N ALA A 828 0.61 1.90 19.78
CA ALA A 828 1.19 3.13 19.26
C ALA A 828 0.25 4.33 19.34
N THR A 829 -0.73 4.31 20.25
CA THR A 829 -1.67 5.44 20.34
C THR A 829 -1.88 5.86 21.79
N VAL A 830 -2.53 7.01 21.97
CA VAL A 830 -2.88 7.45 23.31
C VAL A 830 -4.06 6.68 23.82
N HIS A 831 -5.04 6.37 22.96
CA HIS A 831 -6.18 5.62 23.46
C HIS A 831 -5.78 4.19 23.82
N GLY A 832 -4.71 3.67 23.21
CA GLY A 832 -4.26 2.32 23.49
C GLY A 832 -3.45 2.27 24.77
N ALA A 833 -2.65 3.30 25.01
CA ALA A 833 -2.03 3.45 26.32
C ALA A 833 -3.08 3.43 27.43
N LEU A 834 -4.01 4.34 27.34
CA LEU A 834 -5.08 4.47 28.34
C LEU A 834 -5.82 3.16 28.53
N LEU A 835 -6.09 2.43 27.49
CA LEU A 835 -6.80 1.15 27.64
C LEU A 835 -5.92 0.16 28.36
N SER A 836 -4.63 0.18 28.10
CA SER A 836 -3.68 -0.77 28.72
C SER A 836 -3.66 -0.51 30.23
N GLY A 837 -3.69 0.73 30.64
CA GLY A 837 -3.68 0.99 32.08
C GLY A 837 -4.95 0.51 32.71
N LEU A 838 -6.08 0.66 32.04
CA LEU A 838 -7.36 0.21 32.63
C LEU A 838 -7.33 -1.30 32.74
N ARG A 839 -6.79 -1.97 31.76
CA ARG A 839 -6.71 -3.43 31.79
C ARG A 839 -5.85 -3.84 32.97
N GLU A 840 -4.74 -3.18 33.20
CA GLU A 840 -3.86 -3.63 34.29
C GLU A 840 -4.46 -3.34 35.64
N ALA A 841 -5.18 -2.24 35.77
CA ALA A 841 -5.83 -1.96 37.06
C ALA A 841 -6.78 -3.12 37.35
N GLY A 842 -7.60 -3.51 36.40
CA GLY A 842 -8.47 -4.66 36.67
C GLY A 842 -7.67 -5.89 36.99
N ARG A 843 -6.58 -6.16 36.29
CA ARG A 843 -5.90 -7.42 36.59
C ARG A 843 -5.24 -7.37 37.96
N ILE A 844 -4.67 -6.23 38.34
CA ILE A 844 -4.01 -6.11 39.62
C ILE A 844 -5.03 -6.15 40.74
N ALA A 845 -6.13 -5.42 40.59
CA ALA A 845 -7.19 -5.47 41.61
C ALA A 845 -7.73 -6.88 41.79
N ASP A 846 -8.03 -7.58 40.69
CA ASP A 846 -8.47 -8.97 40.79
C ASP A 846 -7.48 -9.83 41.56
N GLN A 847 -6.18 -9.61 41.37
CA GLN A 847 -5.19 -10.47 42.01
C GLN A 847 -5.06 -10.19 43.50
N PHE A 848 -5.27 -8.95 43.92
CA PHE A 848 -5.00 -8.50 45.28
C PHE A 848 -6.25 -8.12 46.05
N LEU A 849 -7.40 -8.06 45.39
CA LEU A 849 -8.65 -7.87 46.10
C LEU A 849 -9.63 -9.02 45.87
N GLY A 850 -9.33 -9.93 44.96
CA GLY A 850 -10.23 -11.03 44.71
C GLY A 850 -11.39 -10.61 43.82
N ALA A 851 -11.85 -11.53 42.97
CA ALA A 851 -12.81 -11.20 41.92
C ALA A 851 -14.17 -11.74 42.35
N MET A 852 -14.90 -10.91 43.08
CA MET A 852 -16.11 -11.38 43.74
C MET A 852 -17.22 -11.78 42.77
N TYR A 853 -17.04 -11.56 41.45
CA TYR A 853 -18.08 -11.71 40.44
C TYR A 853 -17.97 -12.98 39.59
N THR A 854 -17.13 -13.95 39.99
CA THR A 854 -16.93 -15.17 39.21
C THR A 854 -17.68 -16.36 39.82
N LEU A 855 -18.68 -16.09 40.67
CA LEU A 855 -19.42 -17.16 41.34
C LEU A 855 -20.85 -17.28 40.79
N ARG B 12 -7.41 -12.95 -3.87
CA ARG B 12 -7.40 -14.03 -4.85
C ARG B 12 -6.76 -13.59 -6.18
N LYS B 13 -6.86 -12.30 -6.51
CA LYS B 13 -6.32 -11.82 -7.78
C LYS B 13 -5.76 -10.41 -7.58
N PRO B 14 -4.67 -10.04 -8.25
CA PRO B 14 -4.03 -8.75 -8.01
C PRO B 14 -4.89 -7.62 -8.53
N PRO B 15 -4.63 -6.37 -8.15
CA PRO B 15 -5.33 -5.25 -8.77
C PRO B 15 -5.12 -5.29 -10.27
N LYS B 16 -6.17 -4.98 -11.03
CA LYS B 16 -6.05 -4.93 -12.48
C LYS B 16 -4.97 -3.92 -12.87
N GLY B 17 -4.17 -4.29 -13.88
CA GLY B 17 -3.03 -3.51 -14.31
C GLY B 17 -1.72 -3.90 -13.65
N MET B 18 -1.78 -4.42 -12.41
CA MET B 18 -0.62 -4.98 -11.73
C MET B 18 -0.32 -6.37 -12.27
N PHE B 19 0.96 -6.69 -12.38
CA PHE B 19 1.39 -7.95 -12.97
C PHE B 19 2.33 -8.65 -12.01
N LEU B 20 1.88 -9.78 -11.52
CA LEU B 20 2.69 -10.51 -10.54
C LEU B 20 2.54 -11.99 -10.81
N SER B 21 3.64 -12.66 -11.10
CA SER B 21 3.53 -14.12 -11.29
C SER B 21 4.60 -14.78 -10.44
N GLN B 22 4.37 -16.02 -10.04
CA GLN B 22 5.36 -16.75 -9.22
C GLN B 22 6.70 -16.72 -9.95
N GLU B 23 6.72 -17.13 -11.22
CA GLU B 23 7.97 -17.18 -12.00
C GLU B 23 8.66 -15.83 -11.97
N ASP B 24 7.93 -14.77 -12.25
CA ASP B 24 8.53 -13.42 -12.28
C ASP B 24 9.10 -13.15 -10.90
N VAL B 25 8.29 -13.36 -9.88
CA VAL B 25 8.72 -13.07 -8.49
C VAL B 25 9.99 -13.84 -8.15
N GLU B 26 10.01 -15.13 -8.50
CA GLU B 26 11.22 -15.94 -8.22
C GLU B 26 12.42 -15.28 -8.91
N ALA B 27 12.19 -14.93 -10.16
CA ALA B 27 13.20 -14.36 -11.06
C ALA B 27 13.86 -13.13 -10.46
N VAL B 28 13.12 -12.29 -9.77
CA VAL B 28 13.79 -11.04 -9.33
C VAL B 28 14.24 -11.15 -7.88
N SER B 29 13.92 -12.24 -7.23
CA SER B 29 14.28 -12.38 -5.79
C SER B 29 15.62 -13.09 -5.66
N ALA B 30 15.92 -13.99 -6.58
CA ALA B 30 17.13 -14.85 -6.63
C ALA B 30 18.38 -14.17 -6.08
N ASN B 31 18.72 -12.98 -6.54
CA ASN B 31 19.93 -12.33 -5.96
C ASN B 31 19.62 -10.86 -5.68
N ALA B 32 20.63 -10.06 -5.39
CA ALA B 32 20.36 -8.64 -5.06
C ALA B 32 20.43 -7.80 -6.32
N THR B 33 20.91 -8.38 -7.42
CA THR B 33 21.03 -7.63 -8.69
C THR B 33 20.24 -8.34 -9.78
N ALA B 34 19.52 -9.41 -9.42
CA ALA B 34 18.69 -10.15 -10.41
C ALA B 34 17.77 -9.16 -11.09
N ALA B 35 17.08 -8.33 -10.33
CA ALA B 35 16.20 -7.27 -10.85
C ALA B 35 16.95 -6.50 -11.92
N THR B 36 18.00 -5.82 -11.50
CA THR B 36 18.78 -5.00 -12.45
C THR B 36 19.24 -5.85 -13.62
N THR B 37 19.79 -7.03 -13.35
CA THR B 37 20.17 -7.91 -14.46
C THR B 37 18.96 -8.17 -15.35
N VAL B 38 17.89 -8.72 -14.80
CA VAL B 38 16.73 -9.05 -15.65
C VAL B 38 16.17 -7.79 -16.30
N LEU B 39 16.42 -6.62 -15.72
CA LEU B 39 15.86 -5.42 -16.36
C LEU B 39 16.79 -4.96 -17.46
N ARG B 40 18.03 -5.41 -17.46
CA ARG B 40 18.91 -4.99 -18.58
C ARG B 40 18.91 -6.08 -19.64
N GLN B 41 18.16 -7.15 -19.43
CA GLN B 41 18.03 -8.26 -20.39
C GLN B 41 16.95 -7.92 -21.40
N LEU B 42 16.17 -6.90 -21.12
CA LEU B 42 15.09 -6.47 -22.02
C LEU B 42 15.55 -5.17 -22.63
N ASP B 43 16.19 -4.34 -21.82
CA ASP B 43 16.74 -3.05 -22.29
C ASP B 43 17.64 -3.35 -23.47
N MET B 44 18.56 -4.28 -23.34
CA MET B 44 19.37 -4.63 -24.51
C MET B 44 18.48 -5.26 -25.56
N GLU B 45 17.76 -6.33 -25.24
CA GLU B 45 16.98 -7.01 -26.31
C GLU B 45 15.96 -6.07 -26.97
N LEU B 46 15.65 -4.94 -26.37
CA LEU B 46 14.72 -4.05 -27.07
C LEU B 46 15.53 -3.19 -28.03
N VAL B 47 16.81 -3.01 -27.78
CA VAL B 47 17.53 -2.18 -28.77
C VAL B 47 17.80 -3.05 -29.98
N SER B 48 18.08 -4.32 -29.72
CA SER B 48 18.39 -5.25 -30.81
C SER B 48 17.25 -5.30 -31.82
N VAL B 49 16.01 -5.40 -31.33
CA VAL B 49 14.86 -5.36 -32.22
C VAL B 49 14.72 -3.98 -32.84
N LYS B 50 14.99 -2.93 -32.07
CA LYS B 50 14.72 -1.58 -32.54
C LYS B 50 15.60 -1.24 -33.74
N ARG B 51 16.90 -1.54 -33.67
CA ARG B 51 17.70 -1.19 -34.84
C ARG B 51 17.55 -2.22 -35.94
N GLN B 52 17.16 -3.45 -35.61
CA GLN B 52 16.75 -4.39 -36.63
C GLN B 52 15.58 -3.85 -37.46
N ILE B 53 14.65 -3.11 -36.85
CA ILE B 53 13.62 -2.41 -37.62
C ILE B 53 14.26 -1.42 -38.59
N GLN B 54 15.03 -0.46 -38.08
CA GLN B 54 15.63 0.51 -38.98
C GLN B 54 16.53 -0.12 -40.04
N ASN B 55 16.94 -1.37 -39.87
CA ASN B 55 17.73 -2.07 -40.85
C ASN B 55 16.85 -2.56 -42.02
N ILE B 56 15.73 -3.16 -41.67
CA ILE B 56 14.77 -3.60 -42.70
C ILE B 56 14.03 -2.35 -43.18
N LYS B 57 14.10 -1.26 -42.45
CA LYS B 57 13.38 -0.08 -42.98
C LYS B 57 14.18 0.47 -44.15
N GLN B 58 15.49 0.61 -43.99
CA GLN B 58 16.35 1.14 -45.08
C GLN B 58 16.15 0.23 -46.27
N THR B 59 16.36 -1.06 -46.05
CA THR B 59 16.26 -2.07 -47.12
C THR B 59 14.95 -1.90 -47.84
N ASN B 60 13.84 -1.92 -47.13
CA ASN B 60 12.56 -1.75 -47.85
C ASN B 60 12.54 -0.40 -48.57
N SER B 61 13.22 0.61 -48.08
CA SER B 61 13.26 1.91 -48.80
C SER B 61 13.94 1.68 -50.15
N ALA B 62 14.96 0.85 -50.20
CA ALA B 62 15.61 0.66 -51.49
C ALA B 62 14.70 -0.06 -52.47
N LEU B 63 14.09 -1.17 -52.03
CA LEU B 63 13.19 -1.93 -52.89
C LEU B 63 12.01 -1.09 -53.34
N LYS B 64 11.52 -0.19 -52.48
CA LYS B 64 10.39 0.64 -52.88
C LYS B 64 10.81 1.64 -53.95
N GLU B 65 12.10 1.96 -53.92
CA GLU B 65 12.72 2.95 -54.83
C GLU B 65 12.92 2.30 -56.19
N LYS B 66 13.16 1.00 -56.22
CA LYS B 66 13.32 0.33 -57.53
C LYS B 66 11.99 0.23 -58.27
N LEU B 67 10.84 0.29 -57.59
CA LEU B 67 9.56 0.20 -58.32
C LEU B 67 9.03 1.60 -58.68
N ASP B 68 9.90 2.56 -58.98
CA ASP B 68 9.41 3.91 -59.32
C ASP B 68 8.52 3.78 -60.54
N GLY B 69 7.30 4.30 -60.46
CA GLY B 69 6.38 4.31 -61.61
C GLY B 69 5.53 3.06 -61.71
N GLY B 70 5.81 2.05 -60.92
CA GLY B 70 5.01 0.82 -61.01
C GLY B 70 5.15 0.20 -62.38
N ILE B 71 4.04 -0.29 -62.93
CA ILE B 71 4.05 -0.94 -64.26
C ILE B 71 2.96 -0.29 -65.10
N GLU B 72 3.10 0.98 -65.43
CA GLU B 72 2.01 1.60 -66.21
C GLU B 72 2.43 1.70 -67.66
N PRO B 73 3.73 1.67 -67.97
CA PRO B 73 4.17 1.73 -69.34
C PRO B 73 4.13 0.32 -69.94
N TYR B 74 4.06 -0.70 -69.09
CA TYR B 74 4.06 -2.08 -69.59
C TYR B 74 2.65 -2.65 -69.61
N ARG B 75 1.63 -1.83 -69.39
CA ARG B 75 0.27 -2.40 -69.36
C ARG B 75 -0.26 -2.49 -70.79
N LEU B 76 -1.21 -3.38 -71.03
CA LEU B 76 -1.78 -3.54 -72.39
C LEU B 76 -3.29 -3.54 -72.29
N PRO B 77 -3.99 -2.83 -73.18
CA PRO B 77 -5.44 -2.76 -73.15
C PRO B 77 -6.23 -4.08 -73.12
N GLU B 78 -7.42 -3.97 -72.56
CA GLU B 78 -8.37 -5.10 -72.35
C GLU B 78 -9.02 -5.49 -73.68
N VAL B 79 -8.97 -6.78 -74.02
CA VAL B 79 -9.61 -7.26 -75.27
C VAL B 79 -11.09 -7.49 -74.95
N ILE B 80 -11.96 -6.60 -75.44
CA ILE B 80 -13.40 -6.64 -75.19
C ILE B 80 -14.04 -7.21 -76.45
N GLN B 81 -14.30 -8.52 -76.47
CA GLN B 81 -15.01 -9.11 -77.61
C GLN B 81 -16.08 -10.10 -77.13
N LYS B 82 -17.30 -9.89 -77.64
CA LYS B 82 -18.42 -10.80 -77.40
C LYS B 82 -18.00 -12.23 -77.69
N CYS B 83 -18.26 -13.13 -76.75
CA CYS B 83 -17.94 -14.53 -76.95
C CYS B 83 -18.80 -15.13 -78.06
N ASN B 84 -18.18 -15.92 -78.93
CA ASN B 84 -18.82 -16.50 -80.10
C ASN B 84 -18.91 -18.02 -79.96
N ALA B 85 -19.68 -18.62 -80.87
CA ALA B 85 -20.09 -20.01 -80.74
C ALA B 85 -19.24 -20.96 -81.60
N ARG B 86 -19.26 -20.77 -82.92
CA ARG B 86 -18.57 -21.66 -83.85
C ARG B 86 -17.04 -21.63 -83.62
N TRP B 87 -16.35 -22.60 -84.23
CA TRP B 87 -14.90 -22.79 -84.13
C TRP B 87 -14.26 -22.58 -85.51
N THR B 88 -13.63 -21.43 -85.70
CA THR B 88 -12.88 -21.29 -86.97
C THR B 88 -11.64 -22.15 -86.83
N THR B 89 -11.11 -22.62 -87.94
CA THR B 89 -9.86 -23.43 -87.93
C THR B 89 -8.76 -22.63 -87.26
N GLU B 90 -8.63 -21.35 -87.56
CA GLU B 90 -7.63 -20.48 -86.92
C GLU B 90 -7.83 -20.60 -85.41
N GLU B 91 -9.05 -20.39 -84.93
CA GLU B 91 -9.35 -20.50 -83.47
C GLU B 91 -9.10 -21.91 -83.00
N GLN B 92 -9.47 -22.88 -83.82
CA GLN B 92 -9.24 -24.28 -83.43
C GLN B 92 -7.73 -24.50 -83.31
N LEU B 93 -6.93 -23.96 -84.22
CA LEU B 93 -5.47 -24.21 -84.19
C LEU B 93 -4.78 -23.54 -83.02
N LEU B 94 -5.27 -22.40 -82.56
CA LEU B 94 -4.58 -21.76 -81.42
C LEU B 94 -4.61 -22.73 -80.25
N ALA B 95 -5.80 -23.20 -79.94
CA ALA B 95 -6.11 -24.14 -78.85
C ALA B 95 -5.04 -25.20 -78.73
N VAL B 96 -4.79 -25.93 -79.80
CA VAL B 96 -3.79 -27.01 -79.70
C VAL B 96 -2.42 -26.48 -79.30
N GLN B 97 -2.18 -25.18 -79.35
CA GLN B 97 -0.86 -24.77 -78.88
C GLN B 97 -1.03 -24.38 -77.43
N ALA B 98 -2.17 -23.79 -77.11
CA ALA B 98 -2.49 -23.40 -75.73
C ALA B 98 -2.40 -24.66 -74.87
N ILE B 99 -3.06 -25.71 -75.31
CA ILE B 99 -3.01 -27.02 -74.63
C ILE B 99 -1.55 -27.44 -74.48
N ARG B 100 -0.73 -27.23 -75.50
CA ARG B 100 0.66 -27.70 -75.41
C ARG B 100 1.47 -26.76 -74.53
N LYS B 101 0.94 -25.58 -74.27
CA LYS B 101 1.75 -24.66 -73.45
C LYS B 101 1.04 -24.41 -72.14
N TYR B 102 -0.13 -24.98 -71.95
CA TYR B 102 -0.83 -24.63 -70.69
C TYR B 102 -1.44 -25.85 -70.00
N GLY B 103 -1.10 -27.05 -70.43
CA GLY B 103 -1.64 -28.26 -69.79
C GLY B 103 -3.16 -28.26 -69.70
N ARG B 104 -3.71 -27.87 -68.54
CA ARG B 104 -5.18 -27.92 -68.36
C ARG B 104 -5.73 -26.60 -67.84
N ASP B 105 -4.99 -25.51 -67.89
CA ASP B 105 -5.54 -24.24 -67.35
C ASP B 105 -6.56 -23.66 -68.33
N PHE B 106 -7.80 -24.16 -68.31
CA PHE B 106 -8.85 -23.70 -69.24
C PHE B 106 -9.02 -22.20 -69.18
N GLN B 107 -8.66 -21.59 -68.06
CA GLN B 107 -8.86 -20.13 -68.04
C GLN B 107 -7.88 -19.49 -69.00
N ALA B 108 -6.60 -19.85 -68.88
CA ALA B 108 -5.56 -19.28 -69.77
C ALA B 108 -5.94 -19.59 -71.20
N ILE B 109 -6.25 -20.86 -71.46
CA ILE B 109 -6.66 -21.30 -72.81
C ILE B 109 -7.80 -20.42 -73.30
N SER B 110 -8.84 -20.24 -72.50
CA SER B 110 -9.89 -19.32 -72.98
C SER B 110 -9.34 -17.89 -73.05
N ASP B 111 -8.45 -17.50 -72.14
CA ASP B 111 -7.91 -16.12 -72.23
C ASP B 111 -7.24 -15.95 -73.59
N VAL B 112 -6.40 -16.90 -73.96
CA VAL B 112 -5.69 -16.80 -75.26
C VAL B 112 -6.67 -16.63 -76.40
N ILE B 113 -7.58 -17.57 -76.57
CA ILE B 113 -8.50 -17.50 -77.74
C ILE B 113 -9.30 -16.21 -77.69
N GLY B 114 -9.87 -15.87 -76.56
CA GLY B 114 -10.59 -14.58 -76.47
C GLY B 114 -12.04 -14.62 -76.85
N ASN B 115 -12.49 -15.69 -77.52
CA ASN B 115 -13.92 -15.76 -77.86
C ASN B 115 -14.37 -17.19 -77.59
N LYS B 116 -13.96 -17.72 -76.44
CA LYS B 116 -14.35 -19.11 -76.19
C LYS B 116 -14.72 -19.34 -74.73
N SER B 117 -15.87 -19.99 -74.57
CA SER B 117 -16.50 -20.43 -73.32
C SER B 117 -15.50 -21.28 -72.56
N VAL B 118 -15.11 -20.84 -71.36
CA VAL B 118 -14.22 -21.63 -70.44
C VAL B 118 -14.85 -23.00 -70.45
N VAL B 119 -16.17 -23.01 -70.54
CA VAL B 119 -16.97 -24.27 -70.49
C VAL B 119 -16.72 -25.18 -71.69
N GLN B 120 -16.87 -24.72 -72.93
CA GLN B 120 -16.67 -25.68 -74.06
C GLN B 120 -15.22 -25.75 -74.47
N VAL B 121 -14.30 -25.13 -73.75
CA VAL B 121 -12.89 -25.51 -74.00
C VAL B 121 -12.88 -26.99 -73.60
N LYS B 122 -13.39 -27.34 -72.41
CA LYS B 122 -13.56 -28.75 -72.02
C LYS B 122 -14.34 -29.50 -73.11
N ASN B 123 -15.44 -28.93 -73.60
CA ASN B 123 -16.17 -29.62 -74.69
C ASN B 123 -15.18 -29.82 -75.84
N PHE B 124 -14.48 -28.76 -76.24
CA PHE B 124 -13.45 -28.85 -77.30
C PHE B 124 -12.45 -29.93 -76.92
N PHE B 125 -11.99 -29.98 -75.66
CA PHE B 125 -11.07 -31.08 -75.26
C PHE B 125 -11.77 -32.42 -75.47
N VAL B 126 -13.04 -32.50 -75.10
CA VAL B 126 -13.81 -33.76 -75.21
C VAL B 126 -14.10 -34.09 -76.67
N ASN B 127 -14.34 -33.11 -77.52
CA ASN B 127 -14.75 -33.46 -78.90
C ASN B 127 -13.57 -33.89 -79.76
N TYR B 128 -12.86 -32.92 -80.33
CA TYR B 128 -11.76 -33.29 -81.25
C TYR B 128 -10.64 -33.98 -80.49
N ARG B 129 -11.00 -34.74 -79.47
CA ARG B 129 -9.94 -35.35 -78.64
C ARG B 129 -9.16 -36.41 -79.40
N ARG B 130 -9.71 -36.90 -80.50
CA ARG B 130 -9.01 -37.97 -81.24
C ARG B 130 -8.43 -37.39 -82.51
N ARG B 131 -9.19 -36.50 -83.13
CA ARG B 131 -8.80 -35.88 -84.41
C ARG B 131 -7.59 -34.99 -84.15
N PHE B 132 -7.59 -34.26 -83.04
CA PHE B 132 -6.45 -33.39 -82.70
C PHE B 132 -5.45 -34.12 -81.82
N ASN B 133 -5.69 -35.40 -81.54
CA ASN B 133 -4.79 -36.24 -80.72
C ASN B 133 -4.48 -35.55 -79.40
N ILE B 134 -5.49 -35.00 -78.74
CA ILE B 134 -5.23 -34.19 -77.53
C ILE B 134 -4.57 -35.02 -76.46
N ASP B 135 -4.81 -36.32 -76.45
CA ASP B 135 -4.09 -37.03 -75.38
C ASP B 135 -2.59 -36.87 -75.56
N GLU B 136 -2.07 -37.26 -76.73
CA GLU B 136 -0.64 -37.18 -76.94
C GLU B 136 -0.13 -35.78 -76.61
N VAL B 137 -0.87 -34.76 -77.05
CA VAL B 137 -0.52 -33.37 -76.72
C VAL B 137 -0.35 -33.20 -75.22
N LEU B 138 -1.42 -33.49 -74.46
CA LEU B 138 -1.35 -33.33 -73.01
C LEU B 138 -0.21 -34.11 -72.38
N GLN B 139 0.06 -35.34 -72.85
CA GLN B 139 0.96 -36.16 -72.02
C GLN B 139 2.33 -35.53 -72.05
N GLU B 140 2.58 -34.73 -73.08
CA GLU B 140 3.87 -34.13 -73.37
C GLU B 140 3.91 -32.64 -73.03
N TRP B 141 2.76 -32.04 -72.66
CA TRP B 141 2.83 -30.88 -71.77
C TRP B 141 3.22 -31.31 -70.36
N GLU B 142 2.72 -32.49 -69.94
CA GLU B 142 3.09 -33.04 -68.63
C GLU B 142 4.59 -33.30 -68.55
N ALA B 143 5.20 -33.72 -69.67
CA ALA B 143 6.62 -34.05 -69.66
C ALA B 143 7.51 -32.83 -69.38
N GLU B 144 6.95 -31.64 -69.23
CA GLU B 144 7.75 -30.45 -68.93
C GLU B 144 7.46 -29.97 -67.50
#